data_2PRZ
#
_entry.id   2PRZ
#
_cell.length_a   86.063
_cell.length_b   99.475
_cell.length_c   111.995
_cell.angle_alpha   90.00
_cell.angle_beta   90.00
_cell.angle_gamma   90.00
#
_symmetry.space_group_name_H-M   'P 21 21 21'
#
loop_
_entity.id
_entity.type
_entity.pdbx_description
1 polymer 'Orotate phosphoribosyltransferase 1'
2 non-polymer 'CHLORIDE ION'
3 non-polymer "OROTIDINE-5'-MONOPHOSPHATE"
4 water water
#
_entity_poly.entity_id   1
_entity_poly.type   'polypeptide(L)'
_entity_poly.pdbx_seq_one_letter_code
;MPIMLEDYQKNFLELAIECQALRFGSFKLKSGRESPYFFNLGLFNTGKLLSNLATAYAIAIIQSDLKFDVIFGPAYKGIP
LAAIVCVKLAEIGGSKFQNIQYAFNRKEAKDHGEGGIIVGSALENKRILIIDDVMTAGTAINEAFEIISNAKGQVVGSII
ALDRQEVVSTDDKEGLSATQTVSKKYGIPVLSIVSLIHIITYLEGRITAEEKSKIEQYLQTYGASA
;
_entity_poly.pdbx_strand_id   A,B,C,D
#
loop_
_chem_comp.id
_chem_comp.type
_chem_comp.name
_chem_comp.formula
CL non-polymer 'CHLORIDE ION' 'Cl -1'
OMP non-polymer OROTIDINE-5'-MONOPHOSPHATE 'C10 H13 N2 O11 P'
#
# COMPACT_ATOMS: atom_id res chain seq x y z
N LEU A 5 1.60 27.33 20.14
CA LEU A 5 2.00 26.69 18.85
C LEU A 5 1.62 27.51 17.63
N GLU A 6 2.53 27.58 16.66
CA GLU A 6 2.24 28.22 15.38
C GLU A 6 1.44 27.26 14.48
N ASP A 7 0.73 27.83 13.51
CA ASP A 7 -0.14 27.06 12.62
C ASP A 7 0.57 25.92 11.89
N TYR A 8 1.79 26.18 11.41
CA TYR A 8 2.55 25.17 10.67
C TYR A 8 2.97 23.99 11.56
N GLN A 9 3.18 24.28 12.84
CA GLN A 9 3.49 23.25 13.83
C GLN A 9 2.26 22.36 14.10
N LYS A 10 1.09 23.01 14.21
CA LYS A 10 -0.17 22.31 14.38
C LYS A 10 -0.43 21.38 13.20
N ASN A 11 -0.27 21.91 11.99
CA ASN A 11 -0.47 21.14 10.76
C ASN A 11 0.51 19.97 10.64
N PHE A 12 1.76 20.23 11.04
CA PHE A 12 2.79 19.19 11.07
C PHE A 12 2.38 18.04 11.99
N LEU A 13 1.91 18.39 13.19
CA LEU A 13 1.44 17.41 14.18
C LEU A 13 0.23 16.62 13.68
N GLU A 14 -0.72 17.34 13.07
CA GLU A 14 -1.92 16.71 12.53
C GLU A 14 -1.55 15.69 11.46
N LEU A 15 -0.67 16.08 10.55
CA LEU A 15 -0.19 15.21 9.49
C LEU A 15 0.63 14.04 10.01
N ALA A 16 1.34 14.27 11.12
CA ALA A 16 2.17 13.24 11.75
C ALA A 16 1.34 12.05 12.25
N ILE A 17 0.14 12.33 12.77
CA ILE A 17 -0.79 11.27 13.18
C ILE A 17 -1.44 10.62 11.97
N GLU A 18 -1.97 11.45 11.05
CA GLU A 18 -2.57 10.98 9.80
C GLU A 18 -1.71 9.93 9.09
N CYS A 19 -0.42 10.22 8.90
CA CYS A 19 0.48 9.30 8.22
C CYS A 19 1.13 8.27 9.15
N GLN A 20 0.79 8.36 10.44
CA GLN A 20 1.25 7.42 11.48
C GLN A 20 2.71 7.60 11.87
N ALA A 21 3.28 8.77 11.58
CA ALA A 21 4.66 9.08 11.97
C ALA A 21 4.82 9.03 13.48
N LEU A 22 3.84 9.55 14.19
CA LEU A 22 3.80 9.47 15.65
C LEU A 22 3.06 8.21 16.09
N ARG A 23 3.80 7.21 16.55
CA ARG A 23 3.22 5.98 17.07
C ARG A 23 3.49 5.82 18.56
N PHE A 24 2.50 5.29 19.28
CA PHE A 24 2.65 4.97 20.69
C PHE A 24 2.64 3.47 20.86
N GLY A 25 3.53 2.97 21.72
CA GLY A 25 3.64 1.54 21.96
C GLY A 25 4.89 1.23 22.77
N SER A 26 5.68 0.30 22.24
CA SER A 26 6.92 -0.12 22.90
C SER A 26 8.04 -0.17 21.88
N PHE A 27 9.07 0.67 22.08
CA PHE A 27 10.14 0.84 21.09
C PHE A 27 11.51 0.87 21.72
N LYS A 28 12.42 0.04 21.23
CA LYS A 28 13.81 0.10 21.66
C LYS A 28 14.55 1.07 20.73
N LEU A 29 15.02 2.18 21.29
CA LEU A 29 15.65 3.25 20.51
C LEU A 29 17.09 2.89 20.14
N LYS A 30 17.68 3.69 19.24
CA LYS A 30 19.09 3.51 18.89
C LYS A 30 19.99 3.47 20.11
N SER A 31 19.70 4.34 21.08
CA SER A 31 20.51 4.47 22.29
C SER A 31 20.32 3.33 23.29
N GLY A 32 19.35 2.47 23.02
CA GLY A 32 19.06 1.31 23.86
C GLY A 32 17.90 1.52 24.81
N ARG A 33 17.39 2.75 24.85
CA ARG A 33 16.32 3.10 25.80
C ARG A 33 15.00 2.53 25.33
N GLU A 34 14.19 2.04 26.27
CA GLU A 34 12.88 1.49 25.95
C GLU A 34 11.82 2.58 26.03
N SER A 35 11.39 3.05 24.87
CA SER A 35 10.50 4.20 24.76
C SER A 35 9.03 3.80 24.53
N PRO A 36 8.09 4.57 25.12
CA PRO A 36 6.65 4.36 24.91
C PRO A 36 6.10 4.99 23.63
N TYR A 37 6.91 5.78 22.94
CA TYR A 37 6.49 6.41 21.69
C TYR A 37 7.65 6.48 20.68
N PHE A 38 7.31 6.65 19.41
CA PHE A 38 8.31 6.71 18.35
C PHE A 38 7.83 7.64 17.27
N PHE A 39 8.75 8.46 16.76
CA PHE A 39 8.47 9.36 15.66
C PHE A 39 9.25 8.88 14.45
N ASN A 40 8.52 8.45 13.43
CA ASN A 40 9.10 7.93 12.19
C ASN A 40 8.83 8.92 11.05
N LEU A 41 9.81 9.79 10.80
CA LEU A 41 9.67 10.83 9.77
C LEU A 41 9.56 10.21 8.38
N GLY A 42 10.13 9.02 8.21
CA GLY A 42 10.07 8.27 6.96
C GLY A 42 8.66 7.94 6.49
N LEU A 43 7.67 8.18 7.35
CA LEU A 43 6.26 7.94 7.01
C LEU A 43 5.58 9.14 6.34
N PHE A 44 6.23 10.29 6.38
CA PHE A 44 5.87 11.41 5.50
C PHE A 44 6.40 10.98 4.13
N ASN A 45 5.69 10.06 3.49
CA ASN A 45 6.25 9.36 2.35
C ASN A 45 5.65 9.69 0.98
N THR A 46 4.53 10.42 0.99
CA THR A 46 3.88 10.81 -0.26
C THR A 46 4.37 12.18 -0.73
N GLY A 47 4.12 12.50 -1.99
CA GLY A 47 4.42 13.83 -2.53
C GLY A 47 3.81 14.94 -1.69
N LYS A 48 2.55 14.76 -1.31
CA LYS A 48 1.82 15.73 -0.50
C LYS A 48 2.46 15.91 0.88
N LEU A 49 2.75 14.80 1.56
CA LEU A 49 3.34 14.84 2.89
C LEU A 49 4.76 15.41 2.89
N LEU A 50 5.57 15.04 1.89
CA LEU A 50 6.93 15.55 1.75
C LEU A 50 6.96 17.05 1.48
N SER A 51 6.01 17.52 0.66
CA SER A 51 5.83 18.95 0.41
C SER A 51 5.56 19.71 1.71
N ASN A 52 4.61 19.20 2.49
CA ASN A 52 4.29 19.80 3.78
C ASN A 52 5.43 19.78 4.77
N LEU A 53 6.18 18.68 4.77
CA LEU A 53 7.36 18.51 5.63
C LEU A 53 8.47 19.50 5.27
N ALA A 54 8.81 19.57 3.98
CA ALA A 54 9.79 20.53 3.48
C ALA A 54 9.39 21.96 3.86
N THR A 55 8.11 22.28 3.72
CA THR A 55 7.58 23.60 4.09
C THR A 55 7.78 23.88 5.58
N ALA A 56 7.45 22.91 6.44
CA ALA A 56 7.65 23.07 7.89
C ALA A 56 9.11 23.38 8.26
N TYR A 57 10.03 22.59 7.71
CA TYR A 57 11.48 22.82 7.92
C TYR A 57 11.88 24.21 7.45
N ALA A 58 11.50 24.55 6.21
CA ALA A 58 11.85 25.84 5.60
C ALA A 58 11.38 27.01 6.46
N ILE A 59 10.13 26.95 6.93
CA ILE A 59 9.57 28.04 7.76
C ILE A 59 10.40 28.21 9.04
N ALA A 60 10.69 27.10 9.72
CA ALA A 60 11.49 27.12 10.95
C ALA A 60 12.86 27.72 10.70
N ILE A 61 13.50 27.31 9.60
CA ILE A 61 14.81 27.82 9.23
C ILE A 61 14.80 29.32 8.94
N ILE A 62 13.83 29.76 8.13
CA ILE A 62 13.72 31.16 7.72
C ILE A 62 13.47 32.06 8.95
N GLN A 63 12.57 31.63 9.82
CA GLN A 63 12.22 32.39 11.02
C GLN A 63 13.34 32.47 12.06
N SER A 64 14.32 31.58 11.96
CA SER A 64 15.47 31.57 12.86
C SER A 64 16.50 32.65 12.53
N ASP A 65 16.46 33.14 11.28
CA ASP A 65 17.41 34.12 10.74
C ASP A 65 18.84 33.61 10.62
N LEU A 66 19.03 32.29 10.74
CA LEU A 66 20.35 31.69 10.63
C LEU A 66 20.91 31.94 9.23
N LYS A 67 22.17 32.36 9.17
CA LYS A 67 22.86 32.57 7.92
C LYS A 67 23.76 31.38 7.65
N PHE A 68 23.57 30.76 6.49
CA PHE A 68 24.35 29.57 6.13
C PHE A 68 24.48 29.46 4.62
N ASP A 69 25.39 28.59 4.19
CA ASP A 69 25.71 28.41 2.77
C ASP A 69 25.16 27.10 2.23
N VAL A 70 25.13 26.07 3.09
CA VAL A 70 24.91 24.70 2.67
C VAL A 70 24.04 23.98 3.69
N ILE A 71 23.01 23.28 3.19
CA ILE A 71 22.24 22.38 4.02
C ILE A 71 22.71 20.94 3.80
N PHE A 72 23.18 20.29 4.87
CA PHE A 72 23.76 18.95 4.79
C PHE A 72 22.84 17.93 5.44
N GLY A 73 22.54 16.87 4.69
CA GLY A 73 21.72 15.76 5.19
C GLY A 73 22.53 14.47 5.25
N PRO A 74 22.58 13.83 6.44
CA PRO A 74 23.34 12.60 6.58
C PRO A 74 22.68 11.41 5.89
N ALA A 75 23.50 10.55 5.29
CA ALA A 75 23.02 9.32 4.65
C ALA A 75 22.39 8.37 5.69
N TYR A 76 21.28 7.71 5.34
CA TYR A 76 20.62 7.85 4.05
C TYR A 76 19.43 8.79 4.07
N LYS A 77 18.68 8.76 5.17
CA LYS A 77 17.37 9.44 5.26
C LYS A 77 17.48 10.96 5.26
N GLY A 78 18.63 11.49 5.63
CA GLY A 78 18.88 12.93 5.57
C GLY A 78 19.06 13.45 4.16
N ILE A 79 19.40 12.55 3.23
CA ILE A 79 19.64 12.95 1.83
C ILE A 79 18.40 13.59 1.18
N PRO A 80 17.24 12.88 1.16
CA PRO A 80 16.01 13.50 0.67
C PRO A 80 15.58 14.76 1.43
N LEU A 81 15.77 14.78 2.75
CA LEU A 81 15.47 15.95 3.56
C LEU A 81 16.24 17.19 3.11
N ALA A 82 17.55 17.07 2.99
CA ALA A 82 18.39 18.18 2.53
C ALA A 82 17.95 18.69 1.15
N ALA A 83 17.67 17.77 0.23
CA ALA A 83 17.26 18.13 -1.12
C ALA A 83 15.93 18.91 -1.16
N ILE A 84 14.88 18.34 -0.55
CA ILE A 84 13.56 18.95 -0.59
C ILE A 84 13.46 20.27 0.18
N VAL A 85 14.22 20.38 1.26
CA VAL A 85 14.25 21.62 2.05
C VAL A 85 15.04 22.73 1.34
N CYS A 86 16.13 22.35 0.69
CA CYS A 86 16.90 23.28 -0.16
C CYS A 86 16.00 23.92 -1.20
N VAL A 87 15.25 23.07 -1.91
CA VAL A 87 14.27 23.54 -2.89
C VAL A 87 13.26 24.49 -2.25
N LYS A 88 12.68 24.06 -1.13
CA LYS A 88 11.61 24.82 -0.50
C LYS A 88 12.08 26.19 0.00
N LEU A 89 13.31 26.26 0.50
CA LEU A 89 13.90 27.54 0.89
C LEU A 89 13.96 28.52 -0.26
N ALA A 90 14.34 28.04 -1.45
CA ALA A 90 14.36 28.90 -2.65
C ALA A 90 12.95 29.33 -3.06
N GLU A 91 11.96 28.47 -2.81
CA GLU A 91 10.59 28.75 -3.23
C GLU A 91 9.85 29.70 -2.30
N ILE A 92 10.12 29.63 -1.00
CA ILE A 92 9.39 30.48 -0.03
C ILE A 92 10.24 31.55 0.64
N GLY A 93 11.57 31.48 0.48
CA GLY A 93 12.49 32.35 1.19
C GLY A 93 12.93 33.65 0.51
N GLY A 94 12.77 33.75 -0.80
CA GLY A 94 13.25 34.96 -1.49
C GLY A 94 14.73 34.96 -1.81
N SER A 95 15.23 36.11 -2.25
CA SER A 95 16.49 36.18 -3.01
C SER A 95 17.72 35.58 -2.33
N LYS A 96 17.83 35.73 -1.01
CA LYS A 96 19.02 35.25 -0.31
C LYS A 96 19.06 33.72 -0.10
N PHE A 97 17.97 33.03 -0.44
CA PHE A 97 17.89 31.56 -0.36
C PHE A 97 17.96 30.85 -1.72
N GLN A 98 18.15 31.60 -2.79
CA GLN A 98 18.18 31.01 -4.14
C GLN A 98 19.43 30.17 -4.38
N ASN A 99 20.55 30.61 -3.82
CA ASN A 99 21.85 30.00 -4.10
C ASN A 99 22.39 29.11 -2.98
N ILE A 100 21.53 28.83 -2.00
CA ILE A 100 21.90 27.87 -0.97
C ILE A 100 22.05 26.50 -1.63
N GLN A 101 23.11 25.79 -1.25
CA GLN A 101 23.42 24.51 -1.83
C GLN A 101 23.07 23.38 -0.87
N TYR A 102 22.98 22.17 -1.40
CA TYR A 102 22.78 21.01 -0.55
C TYR A 102 23.94 20.03 -0.74
N ALA A 103 24.24 19.31 0.33
CA ALA A 103 25.27 18.29 0.29
C ALA A 103 24.90 17.12 1.21
N PHE A 104 25.56 15.99 0.99
CA PHE A 104 25.38 14.80 1.80
C PHE A 104 26.58 13.89 1.65
N ASN A 105 26.64 12.86 2.49
CA ASN A 105 27.74 11.91 2.47
C ASN A 105 27.36 10.59 1.80
N ARG A 106 28.36 9.89 1.28
CA ARG A 106 28.27 8.47 0.97
C ARG A 106 28.72 7.76 2.24
N LYS A 107 28.22 6.53 2.46
CA LYS A 107 28.67 5.73 3.60
C LYS A 107 30.12 5.29 3.41
N GLU A 108 30.48 4.96 2.17
CA GLU A 108 31.87 4.66 1.81
C GLU A 108 32.23 5.33 0.47
N ALA A 109 33.40 5.94 0.44
CA ALA A 109 33.86 6.72 -0.71
C ALA A 109 33.97 5.88 -1.98
N GLY A 116 36.20 11.89 -1.22
CA GLY A 116 35.10 11.29 -1.97
C GLY A 116 33.95 10.82 -1.09
N ILE A 117 33.90 11.31 0.14
CA ILE A 117 32.81 10.99 1.06
C ILE A 117 31.64 11.95 0.80
N ILE A 118 31.97 13.21 0.49
CA ILE A 118 30.97 14.25 0.29
C ILE A 118 30.48 14.30 -1.16
N VAL A 119 29.16 14.26 -1.33
CA VAL A 119 28.52 14.55 -2.60
C VAL A 119 28.00 15.99 -2.58
N GLY A 120 28.51 16.81 -3.49
CA GLY A 120 28.22 18.24 -3.52
C GLY A 120 29.51 19.05 -3.64
N SER A 121 29.39 20.37 -3.65
CA SER A 121 30.58 21.23 -3.65
C SER A 121 31.35 21.03 -2.34
N ALA A 122 32.67 21.20 -2.40
CA ALA A 122 33.53 21.12 -1.21
C ALA A 122 32.96 21.92 -0.04
N LEU A 123 32.95 21.30 1.13
CA LEU A 123 32.42 21.91 2.34
C LEU A 123 33.41 22.85 3.02
N GLU A 124 34.68 22.77 2.65
CA GLU A 124 35.73 23.54 3.31
C GLU A 124 35.39 25.03 3.40
N ASN A 125 35.42 25.53 4.64
CA ASN A 125 35.16 26.94 4.97
C ASN A 125 33.77 27.47 4.61
N LYS A 126 32.82 26.57 4.37
CA LYS A 126 31.42 26.96 4.12
C LYS A 126 30.61 26.83 5.39
N ARG A 127 29.57 27.67 5.53
CA ARG A 127 28.69 27.62 6.69
C ARG A 127 27.59 26.59 6.50
N ILE A 128 27.60 25.58 7.36
CA ILE A 128 26.76 24.39 7.16
C ILE A 128 25.64 24.25 8.19
N LEU A 129 24.42 24.05 7.69
CA LEU A 129 23.26 23.67 8.51
C LEU A 129 23.02 22.17 8.34
N ILE A 130 23.01 21.45 9.46
CA ILE A 130 22.77 20.01 9.46
C ILE A 130 21.27 19.78 9.62
N ILE A 131 20.69 18.97 8.74
CA ILE A 131 19.28 18.61 8.83
C ILE A 131 19.14 17.12 9.13
N ASP A 132 18.26 16.78 10.07
CA ASP A 132 18.00 15.39 10.40
C ASP A 132 16.58 15.27 10.96
N ASP A 133 16.19 14.04 11.31
CA ASP A 133 14.80 13.77 11.66
C ASP A 133 14.48 14.02 13.12
N VAL A 134 15.22 13.38 14.01
CA VAL A 134 14.88 13.36 15.43
C VAL A 134 16.18 13.31 16.23
N MET A 135 16.21 14.02 17.36
CA MET A 135 17.33 13.93 18.31
C MET A 135 16.87 13.33 19.64
N THR A 136 17.59 12.31 20.10
CA THR A 136 17.29 11.65 21.36
C THR A 136 18.47 11.89 22.30
N ALA A 137 19.56 11.16 22.07
CA ALA A 137 20.79 11.31 22.84
C ALA A 137 21.81 12.16 22.09
N GLY A 138 21.52 12.49 20.82
CA GLY A 138 22.40 13.34 20.03
C GLY A 138 23.48 12.60 19.26
N THR A 139 23.42 11.28 19.28
CA THR A 139 24.44 10.43 18.63
C THR A 139 24.54 10.72 17.13
N ALA A 140 23.41 10.68 16.44
CA ALA A 140 23.36 10.93 15.00
C ALA A 140 23.99 12.28 14.61
N ILE A 141 23.70 13.34 15.37
CA ILE A 141 24.24 14.67 15.04
C ILE A 141 25.75 14.76 15.31
N ASN A 142 26.22 14.13 16.39
CA ASN A 142 27.66 14.06 16.64
C ASN A 142 28.40 13.41 15.47
N GLU A 143 27.82 12.34 14.93
CA GLU A 143 28.39 11.68 13.77
C GLU A 143 28.42 12.60 12.54
N ALA A 144 27.35 13.37 12.34
CA ALA A 144 27.29 14.34 11.24
C ALA A 144 28.34 15.43 11.44
N PHE A 145 28.49 15.88 12.67
CA PHE A 145 29.54 16.83 13.04
C PHE A 145 30.93 16.36 12.63
N GLU A 146 31.24 15.10 12.97
CA GLU A 146 32.51 14.47 12.62
C GLU A 146 32.77 14.50 11.11
N ILE A 147 31.76 14.12 10.34
CA ILE A 147 31.84 14.12 8.88
C ILE A 147 32.10 15.55 8.33
N ILE A 148 31.34 16.51 8.83
CA ILE A 148 31.51 17.92 8.43
C ILE A 148 32.91 18.45 8.77
N SER A 149 33.39 18.15 9.98
CA SER A 149 34.73 18.58 10.41
C SER A 149 35.87 17.95 9.59
N ASN A 150 35.69 16.69 9.19
CA ASN A 150 36.64 16.02 8.28
C ASN A 150 36.73 16.73 6.93
N ALA A 151 35.61 17.29 6.48
CA ALA A 151 35.53 18.03 5.22
C ALA A 151 35.90 19.50 5.40
N LYS A 152 36.28 19.88 6.63
CA LYS A 152 36.63 21.26 6.99
C LYS A 152 35.48 22.26 6.88
N GLY A 153 34.25 21.79 7.02
CA GLY A 153 33.09 22.68 7.05
C GLY A 153 32.95 23.35 8.40
N GLN A 154 32.26 24.49 8.42
CA GLN A 154 31.93 25.17 9.65
C GLN A 154 30.43 25.02 9.94
N VAL A 155 30.10 24.15 10.89
CA VAL A 155 28.70 23.96 11.29
C VAL A 155 28.21 25.21 12.02
N VAL A 156 27.15 25.81 11.51
CA VAL A 156 26.58 27.02 12.09
C VAL A 156 25.22 26.77 12.74
N GLY A 157 24.68 25.57 12.54
CA GLY A 157 23.40 25.23 13.14
C GLY A 157 22.92 23.84 12.78
N SER A 158 21.84 23.44 13.44
CA SER A 158 21.21 22.16 13.18
C SER A 158 19.70 22.33 13.24
N ILE A 159 18.99 21.57 12.41
CA ILE A 159 17.54 21.49 12.49
C ILE A 159 17.05 20.05 12.43
N ILE A 160 16.12 19.74 13.32
CA ILE A 160 15.50 18.43 13.37
C ILE A 160 13.98 18.63 13.33
N ALA A 161 13.24 17.59 12.95
CA ALA A 161 11.78 17.68 12.99
C ALA A 161 11.26 17.57 14.42
N LEU A 162 11.83 16.64 15.21
CA LEU A 162 11.40 16.42 16.58
C LEU A 162 12.53 16.45 17.61
N ASP A 163 12.43 17.37 18.55
CA ASP A 163 13.28 17.37 19.75
C ASP A 163 12.57 16.57 20.83
N ARG A 164 13.07 15.36 21.08
CA ARG A 164 12.50 14.47 22.09
C ARG A 164 12.75 14.96 23.52
N GLN A 165 13.57 16.00 23.66
CA GLN A 165 13.86 16.66 24.96
C GLN A 165 14.37 15.68 26.02
N GLU A 166 15.29 14.81 25.62
CA GLU A 166 15.91 13.86 26.55
C GLU A 166 17.37 14.17 26.76
N VAL A 167 17.94 13.57 27.79
CA VAL A 167 19.34 13.74 28.13
C VAL A 167 20.25 12.95 27.17
N VAL A 168 21.52 13.33 27.11
CA VAL A 168 22.52 12.58 26.37
C VAL A 168 22.79 11.26 27.09
N SER A 169 22.86 11.34 28.41
CA SER A 169 23.11 10.19 29.29
C SER A 169 22.47 10.48 30.64
N THR A 170 21.97 9.43 31.30
CA THR A 170 21.46 9.54 32.67
C THR A 170 22.57 9.81 33.71
N ASP A 171 23.83 9.61 33.31
CA ASP A 171 24.98 9.83 34.18
C ASP A 171 25.20 11.32 34.47
N ASP A 172 24.86 12.15 33.49
CA ASP A 172 25.09 13.60 33.57
C ASP A 172 24.23 14.24 34.66
N LYS A 173 24.88 14.83 35.66
CA LYS A 173 24.16 15.41 36.81
C LYS A 173 23.30 16.62 36.44
N GLU A 174 23.83 17.48 35.57
CA GLU A 174 23.11 18.68 35.10
C GLU A 174 21.83 18.31 34.35
N GLY A 175 21.90 17.24 33.56
CA GLY A 175 20.73 16.71 32.86
C GLY A 175 20.24 17.63 31.76
N LEU A 176 21.17 18.21 31.02
CA LEU A 176 20.83 19.01 29.85
C LEU A 176 20.33 18.09 28.75
N SER A 177 19.38 18.57 27.95
CA SER A 177 18.90 17.81 26.80
C SER A 177 19.99 17.69 25.73
N ALA A 178 19.81 16.72 24.83
CA ALA A 178 20.74 16.54 23.72
C ALA A 178 20.91 17.83 22.91
N THR A 179 19.79 18.49 22.59
CA THR A 179 19.84 19.74 21.83
C THR A 179 20.53 20.86 22.62
N GLN A 180 20.24 20.94 23.91
CA GLN A 180 20.88 21.92 24.80
C GLN A 180 22.40 21.69 24.88
N THR A 181 22.81 20.42 24.96
CA THR A 181 24.24 20.09 25.03
C THR A 181 24.99 20.47 23.75
N VAL A 182 24.40 20.19 22.58
CA VAL A 182 24.99 20.60 21.30
C VAL A 182 25.18 22.12 21.22
N SER A 183 24.11 22.86 21.52
CA SER A 183 24.14 24.31 21.49
C SER A 183 25.24 24.85 22.38
N LYS A 184 25.27 24.39 23.63
CA LYS A 184 26.27 24.82 24.61
C LYS A 184 27.70 24.49 24.18
N LYS A 185 27.89 23.29 23.65
CA LYS A 185 29.21 22.80 23.27
C LYS A 185 29.79 23.58 22.08
N TYR A 186 28.92 23.89 21.12
CA TYR A 186 29.38 24.52 19.88
C TYR A 186 29.03 26.00 19.71
N GLY A 187 28.08 26.48 20.52
CA GLY A 187 27.63 27.86 20.44
C GLY A 187 26.83 28.07 19.18
N ILE A 188 26.05 27.05 18.81
CA ILE A 188 25.23 27.09 17.60
C ILE A 188 23.76 26.79 17.95
N PRO A 189 22.83 27.43 17.23
CA PRO A 189 21.41 27.10 17.38
C PRO A 189 21.10 25.66 16.98
N VAL A 190 20.23 25.01 17.74
CA VAL A 190 19.66 23.72 17.36
C VAL A 190 18.16 23.92 17.27
N LEU A 191 17.65 23.91 16.05
CA LEU A 191 16.24 24.19 15.81
C LEU A 191 15.46 22.89 15.71
N SER A 192 14.18 22.97 16.04
CA SER A 192 13.26 21.84 15.88
C SER A 192 11.91 22.36 15.41
N ILE A 193 11.29 21.64 14.48
CA ILE A 193 9.92 21.97 14.05
C ILE A 193 8.99 21.93 15.26
N VAL A 194 9.08 20.84 16.03
CA VAL A 194 8.34 20.68 17.29
C VAL A 194 9.17 19.92 18.32
N SER A 195 8.77 20.00 19.58
CA SER A 195 9.39 19.25 20.67
C SER A 195 8.34 18.36 21.31
N LEU A 196 8.78 17.42 22.14
CA LEU A 196 7.85 16.47 22.78
C LEU A 196 6.77 17.21 23.57
N ILE A 197 7.12 18.34 24.19
CA ILE A 197 6.16 19.15 24.93
C ILE A 197 4.99 19.60 24.05
N HIS A 198 5.27 19.93 22.79
CA HIS A 198 4.24 20.33 21.84
C HIS A 198 3.28 19.19 21.51
N ILE A 199 3.82 17.97 21.42
CA ILE A 199 3.03 16.77 21.17
C ILE A 199 2.08 16.48 22.35
N ILE A 200 2.62 16.54 23.55
CA ILE A 200 1.87 16.27 24.78
C ILE A 200 0.71 17.26 24.96
N THR A 201 1.00 18.55 24.83
CA THR A 201 0.02 19.60 25.09
C THR A 201 -1.07 19.67 24.00
N TYR A 202 -0.65 19.76 22.75
CA TYR A 202 -1.59 19.94 21.62
C TYR A 202 -2.44 18.71 21.33
N LEU A 203 -1.81 17.53 21.34
CA LEU A 203 -2.48 16.29 20.99
C LEU A 203 -2.92 15.50 22.22
N GLU A 204 -3.27 16.21 23.29
CA GLU A 204 -3.60 15.59 24.57
C GLU A 204 -4.80 14.64 24.50
N GLY A 205 -5.81 15.00 23.70
CA GLY A 205 -7.00 14.17 23.53
C GLY A 205 -6.70 12.83 22.87
N ARG A 206 -5.86 12.85 21.84
CA ARG A 206 -5.52 11.63 21.10
C ARG A 206 -4.46 10.75 21.78
N ILE A 207 -4.01 11.17 22.95
CA ILE A 207 -3.14 10.34 23.79
C ILE A 207 -3.98 9.84 24.98
N THR A 208 -4.00 8.52 25.18
CA THR A 208 -4.79 7.92 26.24
C THR A 208 -4.11 8.06 27.60
N ALA A 209 -4.85 7.74 28.66
CA ALA A 209 -4.38 7.87 30.03
C ALA A 209 -3.12 7.04 30.33
N GLU A 210 -3.10 5.80 29.82
CA GLU A 210 -1.95 4.91 30.00
C GLU A 210 -0.71 5.40 29.25
N GLU A 211 -0.91 5.83 28.00
CA GLU A 211 0.17 6.39 27.19
C GLU A 211 0.76 7.65 27.83
N LYS A 212 -0.12 8.48 28.41
CA LYS A 212 0.30 9.66 29.17
C LYS A 212 1.19 9.31 30.36
N SER A 213 0.80 8.30 31.12
CA SER A 213 1.58 7.88 32.28
C SER A 213 2.89 7.25 31.86
N LYS A 214 2.83 6.37 30.85
CA LYS A 214 4.02 5.75 30.28
C LYS A 214 5.06 6.77 29.82
N ILE A 215 4.58 7.86 29.21
CA ILE A 215 5.46 8.95 28.77
C ILE A 215 6.07 9.67 29.98
N GLU A 216 5.25 9.96 30.99
CA GLU A 216 5.75 10.66 32.18
C GLU A 216 6.78 9.84 32.94
N GLN A 217 6.53 8.54 33.10
CA GLN A 217 7.46 7.59 33.73
C GLN A 217 8.79 7.55 32.96
N TYR A 218 8.70 7.45 31.64
CA TYR A 218 9.88 7.54 30.76
C TYR A 218 10.67 8.82 31.01
N LEU A 219 9.97 9.95 31.09
CA LEU A 219 10.59 11.25 31.25
C LEU A 219 11.23 11.44 32.63
N GLN A 220 10.72 10.70 33.63
CA GLN A 220 11.34 10.67 34.95
C GLN A 220 12.77 10.15 34.88
N THR A 221 13.00 9.19 33.98
CA THR A 221 14.33 8.61 33.78
C THR A 221 15.17 9.44 32.81
N TYR A 222 14.56 9.81 31.69
CA TYR A 222 15.32 10.34 30.54
C TYR A 222 15.07 11.80 30.18
N GLY A 223 14.03 12.38 30.74
CA GLY A 223 13.68 13.77 30.46
C GLY A 223 14.76 14.72 30.92
N ALA A 224 15.01 15.74 30.10
CA ALA A 224 15.93 16.81 30.48
C ALA A 224 15.37 17.60 31.67
N SER A 225 16.26 18.18 32.46
CA SER A 225 15.85 18.96 33.62
C SER A 225 15.32 20.34 33.21
N ILE B 3 13.77 20.08 -35.05
CA ILE B 3 13.09 19.44 -33.88
C ILE B 3 12.43 20.48 -32.96
N MET B 4 11.37 20.04 -32.27
CA MET B 4 10.63 20.86 -31.33
C MET B 4 11.43 21.10 -30.03
N LEU B 5 11.47 22.36 -29.60
CA LEU B 5 11.97 22.68 -28.27
C LEU B 5 10.95 23.48 -27.48
N GLU B 6 10.50 22.90 -26.39
CA GLU B 6 9.59 23.58 -25.47
C GLU B 6 10.35 24.68 -24.73
N ASP B 7 9.63 25.74 -24.35
CA ASP B 7 10.25 26.81 -23.55
C ASP B 7 10.94 26.28 -22.28
N TYR B 8 10.32 25.31 -21.60
CA TYR B 8 10.92 24.75 -20.37
C TYR B 8 12.21 23.98 -20.65
N GLN B 9 12.31 23.39 -21.84
CA GLN B 9 13.53 22.70 -22.27
C GLN B 9 14.65 23.70 -22.56
N LYS B 10 14.32 24.79 -23.26
CA LYS B 10 15.29 25.85 -23.54
C LYS B 10 15.84 26.47 -22.25
N ASN B 11 14.93 26.78 -21.33
CA ASN B 11 15.27 27.32 -20.02
C ASN B 11 16.16 26.38 -19.18
N PHE B 12 15.84 25.09 -19.20
CA PHE B 12 16.66 24.07 -18.55
C PHE B 12 18.09 24.04 -19.12
N LEU B 13 18.21 24.08 -20.45
CA LEU B 13 19.51 24.08 -21.10
C LEU B 13 20.33 25.34 -20.79
N GLU B 14 19.65 26.48 -20.76
CA GLU B 14 20.27 27.76 -20.40
C GLU B 14 20.93 27.64 -19.03
N LEU B 15 20.19 27.10 -18.07
CA LEU B 15 20.71 26.89 -16.71
C LEU B 15 21.84 25.87 -16.65
N ALA B 16 21.73 24.81 -17.45
CA ALA B 16 22.77 23.77 -17.50
C ALA B 16 24.13 24.32 -17.95
N ILE B 17 24.11 25.25 -18.91
CA ILE B 17 25.33 25.94 -19.35
C ILE B 17 25.85 26.85 -18.23
N GLU B 18 24.94 27.64 -17.67
CA GLU B 18 25.22 28.60 -16.59
C GLU B 18 25.94 27.94 -15.41
N CYS B 19 25.37 26.85 -14.90
CA CYS B 19 25.89 26.19 -13.70
C CYS B 19 26.98 25.15 -13.95
N GLN B 20 27.48 25.07 -15.20
CA GLN B 20 28.53 24.12 -15.60
C GLN B 20 28.09 22.67 -15.73
N ALA B 21 26.79 22.40 -15.60
CA ALA B 21 26.24 21.06 -15.74
C ALA B 21 26.59 20.49 -17.11
N LEU B 22 26.38 21.30 -18.14
CA LEU B 22 26.74 20.94 -19.51
C LEU B 22 28.07 21.58 -19.89
N ARG B 23 29.07 20.73 -20.17
CA ARG B 23 30.37 21.19 -20.58
C ARG B 23 30.89 20.43 -21.79
N PHE B 24 31.71 21.12 -22.57
CA PHE B 24 32.32 20.55 -23.76
C PHE B 24 33.82 20.47 -23.52
N GLY B 25 34.42 19.38 -23.98
CA GLY B 25 35.82 19.07 -23.71
C GLY B 25 35.98 17.57 -23.57
N SER B 26 37.18 17.13 -23.21
CA SER B 26 37.49 15.70 -23.19
C SER B 26 37.10 15.03 -21.88
N PHE B 27 36.22 14.03 -21.97
CA PHE B 27 35.74 13.31 -20.80
C PHE B 27 35.73 11.80 -21.07
N LYS B 28 36.35 11.03 -20.18
CA LYS B 28 36.28 9.58 -20.26
C LYS B 28 35.05 9.12 -19.49
N LEU B 29 34.08 8.59 -20.21
CA LEU B 29 32.81 8.13 -19.63
C LEU B 29 33.01 6.84 -18.83
N LYS B 30 32.02 6.47 -18.03
CA LYS B 30 32.20 5.29 -17.18
C LYS B 30 32.26 3.99 -18.00
N SER B 31 31.72 4.04 -19.21
CA SER B 31 31.83 2.96 -20.18
C SER B 31 33.18 2.95 -20.91
N GLY B 32 34.02 3.94 -20.62
CA GLY B 32 35.36 4.03 -21.22
C GLY B 32 35.42 4.87 -22.47
N ARG B 33 34.25 5.25 -22.99
CA ARG B 33 34.15 6.04 -24.21
C ARG B 33 34.68 7.46 -24.01
N GLU B 34 35.53 7.91 -24.92
CA GLU B 34 36.12 9.24 -24.83
C GLU B 34 35.20 10.26 -25.50
N SER B 35 34.49 11.02 -24.67
CA SER B 35 33.44 11.93 -25.11
C SER B 35 33.90 13.39 -25.24
N PRO B 36 33.38 14.12 -26.25
CA PRO B 36 33.66 15.56 -26.41
C PRO B 36 32.75 16.47 -25.57
N TYR B 37 31.85 15.88 -24.78
CA TYR B 37 30.99 16.64 -23.86
C TYR B 37 30.57 15.79 -22.67
N PHE B 38 30.11 16.45 -21.62
CA PHE B 38 29.65 15.76 -20.42
C PHE B 38 28.51 16.54 -19.78
N PHE B 39 27.50 15.81 -19.30
CA PHE B 39 26.42 16.42 -18.53
C PHE B 39 26.46 15.93 -17.09
N ASN B 40 26.76 16.85 -16.18
CA ASN B 40 26.86 16.57 -14.75
C ASN B 40 25.66 17.19 -14.04
N LEU B 41 24.62 16.38 -13.82
CA LEU B 41 23.37 16.88 -13.24
C LEU B 41 23.52 17.31 -11.77
N GLY B 42 24.48 16.70 -11.07
CA GLY B 42 24.79 17.05 -9.68
C GLY B 42 25.15 18.51 -9.49
N LEU B 43 25.47 19.18 -10.58
CA LEU B 43 25.80 20.60 -10.56
C LEU B 43 24.59 21.55 -10.52
N PHE B 44 23.39 20.99 -10.73
CA PHE B 44 22.15 21.67 -10.37
C PHE B 44 22.04 21.51 -8.86
N ASN B 45 22.83 22.31 -8.15
CA ASN B 45 23.08 22.06 -6.73
C ASN B 45 22.53 23.13 -5.78
N THR B 46 21.86 24.14 -6.32
CA THR B 46 21.23 25.17 -5.48
C THR B 46 19.73 24.95 -5.42
N GLY B 47 19.07 25.61 -4.47
CA GLY B 47 17.61 25.54 -4.37
C GLY B 47 16.91 25.99 -5.64
N LYS B 48 17.42 27.06 -6.25
CA LYS B 48 16.87 27.59 -7.50
C LYS B 48 17.04 26.60 -8.63
N LEU B 49 18.25 26.06 -8.79
CA LEU B 49 18.53 25.09 -9.86
C LEU B 49 17.73 23.80 -9.66
N LEU B 50 17.67 23.30 -8.42
CA LEU B 50 16.90 22.10 -8.13
C LEU B 50 15.40 22.27 -8.38
N SER B 51 14.89 23.47 -8.11
CA SER B 51 13.48 23.81 -8.33
C SER B 51 13.12 23.75 -9.82
N ASN B 52 13.99 24.32 -10.65
CA ASN B 52 13.81 24.27 -12.10
C ASN B 52 13.92 22.85 -12.61
N LEU B 53 14.90 22.10 -12.08
CA LEU B 53 15.07 20.69 -12.44
C LEU B 53 13.86 19.83 -12.09
N ALA B 54 13.34 20.01 -10.88
CA ALA B 54 12.17 19.25 -10.43
C ALA B 54 10.97 19.56 -11.31
N THR B 55 10.84 20.83 -11.71
CA THR B 55 9.71 21.25 -12.55
C THR B 55 9.80 20.61 -13.93
N ALA B 56 11.02 20.62 -14.51
CA ALA B 56 11.28 20.03 -15.83
C ALA B 56 10.94 18.52 -15.90
N TYR B 57 11.43 17.77 -14.92
CA TYR B 57 11.09 16.35 -14.77
C TYR B 57 9.57 16.18 -14.64
N ALA B 58 8.95 17.02 -13.82
CA ALA B 58 7.52 16.94 -13.54
C ALA B 58 6.69 17.15 -14.80
N ILE B 59 7.01 18.20 -15.57
CA ILE B 59 6.29 18.48 -16.82
C ILE B 59 6.36 17.30 -17.80
N ALA B 60 7.55 16.73 -17.97
CA ALA B 60 7.76 15.59 -18.86
C ALA B 60 6.99 14.35 -18.39
N ILE B 61 6.90 14.17 -17.08
CA ILE B 61 6.16 13.03 -16.50
C ILE B 61 4.65 13.21 -16.70
N ILE B 62 4.15 14.41 -16.37
CA ILE B 62 2.76 14.78 -16.61
C ILE B 62 2.37 14.58 -18.09
N GLN B 63 3.18 15.13 -18.98
CA GLN B 63 2.97 15.00 -20.44
C GLN B 63 2.77 13.55 -20.90
N SER B 64 3.42 12.62 -20.20
CA SER B 64 3.49 11.22 -20.65
C SER B 64 2.26 10.40 -20.32
N ASP B 65 1.44 10.92 -19.39
CA ASP B 65 0.27 10.20 -18.86
C ASP B 65 0.62 8.91 -18.10
N LEU B 66 1.89 8.69 -17.81
CA LEU B 66 2.32 7.46 -17.13
C LEU B 66 1.65 7.31 -15.76
N LYS B 67 1.09 6.13 -15.52
CA LYS B 67 0.50 5.79 -14.23
C LYS B 67 1.50 4.97 -13.43
N PHE B 68 1.82 5.44 -12.23
CA PHE B 68 2.78 4.79 -11.35
C PHE B 68 2.48 5.06 -9.88
N ASP B 69 3.07 4.24 -9.01
CA ASP B 69 2.86 4.34 -7.56
C ASP B 69 4.08 4.95 -6.86
N VAL B 70 5.26 4.61 -7.36
CA VAL B 70 6.52 4.96 -6.70
C VAL B 70 7.54 5.51 -7.69
N ILE B 71 8.23 6.58 -7.31
CA ILE B 71 9.42 7.03 -8.04
C ILE B 71 10.65 6.55 -7.30
N PHE B 72 11.48 5.79 -8.00
CA PHE B 72 12.68 5.19 -7.43
C PHE B 72 13.94 5.82 -8.04
N GLY B 73 14.81 6.32 -7.17
CA GLY B 73 16.10 6.86 -7.59
C GLY B 73 17.23 6.03 -7.00
N PRO B 74 18.12 5.51 -7.87
CA PRO B 74 19.27 4.72 -7.37
C PRO B 74 20.26 5.55 -6.56
N ALA B 75 20.79 4.95 -5.49
CA ALA B 75 21.83 5.58 -4.68
C ALA B 75 23.08 5.80 -5.54
N TYR B 76 23.77 6.92 -5.37
CA TYR B 76 23.43 7.97 -4.39
C TYR B 76 22.70 9.14 -5.05
N LYS B 77 23.17 9.54 -6.23
CA LYS B 77 22.71 10.76 -6.90
C LYS B 77 21.26 10.70 -7.39
N GLY B 78 20.71 9.49 -7.46
CA GLY B 78 19.31 9.29 -7.83
C GLY B 78 18.37 9.64 -6.68
N ILE B 79 18.87 9.60 -5.45
CA ILE B 79 18.05 9.82 -4.25
C ILE B 79 17.42 11.23 -4.19
N PRO B 80 18.23 12.31 -4.31
CA PRO B 80 17.57 13.62 -4.30
C PRO B 80 16.59 13.82 -5.45
N LEU B 81 16.88 13.24 -6.61
CA LEU B 81 16.01 13.40 -7.79
C LEU B 81 14.62 12.83 -7.49
N ALA B 82 14.58 11.62 -6.95
CA ALA B 82 13.31 10.97 -6.60
C ALA B 82 12.50 11.84 -5.64
N ALA B 83 13.14 12.32 -4.58
CA ALA B 83 12.50 13.16 -3.57
C ALA B 83 11.91 14.47 -4.14
N ILE B 84 12.75 15.26 -4.83
CA ILE B 84 12.31 16.56 -5.33
C ILE B 84 11.20 16.44 -6.38
N VAL B 85 11.27 15.39 -7.20
CA VAL B 85 10.27 15.17 -8.25
C VAL B 85 8.96 14.64 -7.67
N CYS B 86 9.05 13.75 -6.68
CA CYS B 86 7.86 13.30 -5.97
C CYS B 86 7.13 14.51 -5.39
N VAL B 87 7.89 15.41 -4.76
CA VAL B 87 7.35 16.65 -4.18
C VAL B 87 6.74 17.56 -5.26
N LYS B 88 7.50 17.84 -6.31
CA LYS B 88 7.04 18.74 -7.38
C LYS B 88 5.76 18.23 -8.05
N LEU B 89 5.70 16.92 -8.31
CA LEU B 89 4.52 16.34 -8.95
C LEU B 89 3.23 16.57 -8.13
N ALA B 90 3.31 16.39 -6.82
CA ALA B 90 2.18 16.67 -5.93
C ALA B 90 1.84 18.16 -5.92
N GLU B 91 2.84 19.00 -6.13
CA GLU B 91 2.66 20.43 -6.08
C GLU B 91 2.04 21.05 -7.33
N ILE B 92 2.41 20.55 -8.51
CA ILE B 92 1.91 21.15 -9.75
C ILE B 92 1.07 20.21 -10.64
N GLY B 93 1.06 18.93 -10.30
CA GLY B 93 0.42 17.91 -11.15
C GLY B 93 -1.01 17.56 -10.80
N GLY B 94 -1.50 18.03 -9.67
CA GLY B 94 -2.88 17.82 -9.27
C GLY B 94 -3.12 16.61 -8.37
N SER B 95 -4.38 16.21 -8.28
CA SER B 95 -4.83 15.16 -7.34
C SER B 95 -4.18 13.81 -7.59
N LYS B 96 -3.90 13.54 -8.87
CA LYS B 96 -3.34 12.26 -9.33
C LYS B 96 -1.98 11.92 -8.73
N PHE B 97 -1.24 12.94 -8.30
CA PHE B 97 0.12 12.75 -7.79
C PHE B 97 0.24 12.96 -6.28
N GLN B 98 -0.88 13.16 -5.59
CA GLN B 98 -0.85 13.47 -4.16
C GLN B 98 -0.27 12.33 -3.34
N ASN B 99 -0.57 11.10 -3.74
CA ASN B 99 -0.22 9.93 -2.94
C ASN B 99 0.89 9.06 -3.53
N ILE B 100 1.53 9.53 -4.61
CA ILE B 100 2.72 8.84 -5.12
C ILE B 100 3.83 8.92 -4.06
N GLN B 101 4.64 7.87 -3.99
CA GLN B 101 5.70 7.81 -3.00
C GLN B 101 7.07 7.77 -3.68
N TYR B 102 8.14 7.92 -2.90
CA TYR B 102 9.48 7.73 -3.45
C TYR B 102 10.21 6.65 -2.68
N ALA B 103 11.21 6.06 -3.33
CA ALA B 103 12.02 5.01 -2.75
C ALA B 103 13.42 5.05 -3.33
N PHE B 104 14.36 4.44 -2.61
CA PHE B 104 15.73 4.29 -3.08
C PHE B 104 16.39 3.15 -2.34
N ASN B 105 17.58 2.77 -2.79
CA ASN B 105 18.32 1.67 -2.20
C ASN B 105 19.49 2.16 -1.35
N ARG B 106 19.91 1.32 -0.42
CA ARG B 106 21.20 1.48 0.25
C ARG B 106 22.21 0.67 -0.57
N LYS B 107 23.47 1.11 -0.54
CA LYS B 107 24.56 0.36 -1.17
C LYS B 107 24.74 -1.02 -0.51
N GLU B 108 24.60 -1.07 0.81
CA GLU B 108 24.53 -2.33 1.54
C GLU B 108 23.62 -2.21 2.77
N ALA B 109 22.92 -3.31 3.08
CA ALA B 109 22.00 -3.34 4.23
C ALA B 109 22.67 -2.97 5.55
N ILE B 117 17.38 -3.71 1.71
CA ILE B 117 18.22 -2.65 1.14
C ILE B 117 17.39 -1.48 0.58
N ILE B 118 16.08 -1.64 0.51
CA ILE B 118 15.19 -0.59 0.01
C ILE B 118 14.76 0.33 1.16
N VAL B 119 14.85 1.64 0.92
CA VAL B 119 14.34 2.64 1.87
C VAL B 119 13.03 3.21 1.32
N GLY B 120 11.96 3.01 2.08
CA GLY B 120 10.60 3.39 1.69
C GLY B 120 9.66 2.21 1.91
N SER B 121 8.40 2.38 1.53
CA SER B 121 7.41 1.29 1.56
C SER B 121 7.86 0.16 0.64
N ALA B 122 7.41 -1.06 0.95
CA ALA B 122 7.74 -2.24 0.14
C ALA B 122 7.38 -2.05 -1.32
N LEU B 123 8.33 -2.35 -2.21
CA LEU B 123 8.13 -2.19 -3.65
C LEU B 123 7.26 -3.27 -4.27
N GLU B 124 7.07 -4.38 -3.57
CA GLU B 124 6.33 -5.52 -4.11
C GLU B 124 4.95 -5.10 -4.61
N ASN B 125 4.65 -5.46 -5.86
CA ASN B 125 3.36 -5.22 -6.50
C ASN B 125 3.03 -3.73 -6.71
N LYS B 126 4.06 -2.89 -6.67
CA LYS B 126 3.92 -1.46 -6.95
C LYS B 126 4.49 -1.15 -8.33
N ARG B 127 3.84 -0.21 -9.03
CA ARG B 127 4.29 0.30 -10.31
C ARG B 127 5.39 1.35 -10.08
N ILE B 128 6.58 1.11 -10.64
CA ILE B 128 7.76 1.92 -10.35
C ILE B 128 8.21 2.77 -11.54
N LEU B 129 8.45 4.04 -11.30
CA LEU B 129 9.12 4.90 -12.26
C LEU B 129 10.57 5.08 -11.81
N ILE B 130 11.51 4.64 -12.64
CA ILE B 130 12.94 4.85 -12.35
C ILE B 130 13.36 6.24 -12.82
N ILE B 131 13.93 7.02 -11.91
CA ILE B 131 14.52 8.31 -12.27
C ILE B 131 16.05 8.28 -12.16
N ASP B 132 16.73 8.84 -13.16
CA ASP B 132 18.18 8.96 -13.09
C ASP B 132 18.64 10.20 -13.86
N ASP B 133 19.95 10.41 -13.93
CA ASP B 133 20.47 11.64 -14.50
C ASP B 133 20.63 11.55 -16.02
N VAL B 134 21.42 10.59 -16.49
CA VAL B 134 21.85 10.51 -17.90
C VAL B 134 21.93 9.03 -18.32
N MET B 135 21.60 8.74 -19.58
CA MET B 135 21.78 7.39 -20.11
C MET B 135 22.74 7.41 -21.29
N THR B 136 23.77 6.56 -21.21
CA THR B 136 24.79 6.46 -22.23
C THR B 136 24.68 5.07 -22.88
N ALA B 137 25.16 4.04 -22.18
CA ALA B 137 25.05 2.67 -22.69
C ALA B 137 23.93 1.91 -21.99
N GLY B 138 23.34 2.52 -20.96
CA GLY B 138 22.24 1.93 -20.23
C GLY B 138 22.63 1.04 -19.06
N THR B 139 23.92 1.01 -18.73
CA THR B 139 24.42 0.14 -17.66
C THR B 139 23.80 0.47 -16.29
N ALA B 140 23.79 1.75 -15.94
CA ALA B 140 23.22 2.21 -14.67
C ALA B 140 21.74 1.86 -14.54
N ILE B 141 20.96 2.09 -15.58
CA ILE B 141 19.51 1.83 -15.53
C ILE B 141 19.23 0.33 -15.39
N ASN B 142 20.01 -0.49 -16.07
CA ASN B 142 19.92 -1.95 -15.94
C ASN B 142 20.16 -2.43 -14.50
N GLU B 143 21.17 -1.84 -13.85
CA GLU B 143 21.45 -2.13 -12.44
C GLU B 143 20.27 -1.77 -11.53
N ALA B 144 19.61 -0.66 -11.85
CA ALA B 144 18.40 -0.24 -11.13
C ALA B 144 17.25 -1.22 -11.36
N PHE B 145 17.09 -1.69 -12.60
CA PHE B 145 16.10 -2.71 -12.94
C PHE B 145 16.22 -3.95 -12.09
N GLU B 146 17.45 -4.43 -11.93
CA GLU B 146 17.71 -5.63 -11.13
C GLU B 146 17.39 -5.46 -9.65
N ILE B 147 17.72 -4.29 -9.10
CA ILE B 147 17.38 -3.96 -7.71
C ILE B 147 15.88 -4.00 -7.47
N ILE B 148 15.12 -3.38 -8.38
CA ILE B 148 13.65 -3.34 -8.30
C ILE B 148 13.06 -4.73 -8.53
N SER B 149 13.68 -5.48 -9.42
CA SER B 149 13.34 -6.89 -9.65
C SER B 149 13.50 -7.72 -8.37
N ASN B 150 14.66 -7.64 -7.73
CA ASN B 150 14.91 -8.33 -6.46
C ASN B 150 13.80 -8.04 -5.44
N ALA B 151 13.34 -6.78 -5.44
CA ALA B 151 12.30 -6.30 -4.52
C ALA B 151 10.88 -6.60 -5.00
N LYS B 152 10.77 -7.27 -6.14
CA LYS B 152 9.48 -7.68 -6.73
C LYS B 152 8.57 -6.51 -7.13
N GLY B 153 9.19 -5.37 -7.42
CA GLY B 153 8.46 -4.22 -7.96
C GLY B 153 8.28 -4.37 -9.46
N GLN B 154 7.28 -3.68 -10.01
CA GLN B 154 7.00 -3.71 -11.43
C GLN B 154 7.37 -2.38 -12.08
N VAL B 155 8.45 -2.37 -12.85
CA VAL B 155 8.87 -1.15 -13.55
C VAL B 155 7.94 -0.82 -14.71
N VAL B 156 7.35 0.37 -14.66
CA VAL B 156 6.43 0.82 -15.71
C VAL B 156 6.97 1.99 -16.56
N GLY B 157 8.14 2.51 -16.18
CA GLY B 157 8.71 3.62 -16.91
C GLY B 157 10.07 4.05 -16.39
N SER B 158 10.75 4.85 -17.20
CA SER B 158 12.03 5.44 -16.85
C SER B 158 12.05 6.90 -17.26
N ILE B 159 12.63 7.76 -16.44
CA ILE B 159 12.92 9.14 -16.84
C ILE B 159 14.35 9.55 -16.47
N ILE B 160 15.00 10.24 -17.40
CA ILE B 160 16.35 10.76 -17.20
C ILE B 160 16.35 12.24 -17.58
N ALA B 161 17.36 12.98 -17.11
CA ALA B 161 17.48 14.36 -17.52
C ALA B 161 17.96 14.46 -18.97
N LEU B 162 18.95 13.62 -19.32
CA LEU B 162 19.53 13.68 -20.66
C LEU B 162 19.64 12.32 -21.33
N ASP B 163 19.05 12.22 -22.53
CA ASP B 163 19.25 11.08 -23.41
C ASP B 163 20.39 11.42 -24.35
N ARG B 164 21.55 10.80 -24.11
CA ARG B 164 22.73 11.02 -24.94
C ARG B 164 22.61 10.42 -26.36
N GLN B 165 21.58 9.60 -26.58
CA GLN B 165 21.24 9.02 -27.90
C GLN B 165 22.38 8.19 -28.50
N GLU B 166 22.94 7.31 -27.67
CA GLU B 166 24.09 6.49 -28.02
C GLU B 166 23.72 5.02 -27.96
N VAL B 167 24.42 4.22 -28.76
CA VAL B 167 24.22 2.78 -28.78
C VAL B 167 24.68 2.12 -27.48
N VAL B 168 24.11 0.95 -27.18
CA VAL B 168 24.55 0.10 -26.09
C VAL B 168 25.89 -0.52 -26.45
N SER B 169 26.03 -0.91 -27.72
CA SER B 169 27.22 -1.54 -28.24
C SER B 169 27.41 -1.18 -29.71
N THR B 170 28.64 -0.83 -30.09
CA THR B 170 29.00 -0.55 -31.48
C THR B 170 28.88 -1.79 -32.37
N ASP B 171 28.85 -2.96 -31.73
CA ASP B 171 28.79 -4.25 -32.43
C ASP B 171 27.39 -4.58 -32.94
N ASP B 172 26.35 -4.01 -32.31
CA ASP B 172 24.97 -4.20 -32.72
C ASP B 172 24.70 -3.48 -34.05
N LYS B 173 24.27 -4.23 -35.06
CA LYS B 173 24.09 -3.66 -36.40
C LYS B 173 22.77 -2.91 -36.57
N GLU B 174 21.81 -3.19 -35.69
CA GLU B 174 20.57 -2.41 -35.66
C GLU B 174 20.86 -0.99 -35.15
N GLY B 175 21.78 -0.89 -34.19
CA GLY B 175 22.22 0.39 -33.65
C GLY B 175 21.15 1.16 -32.91
N LEU B 176 20.31 0.43 -32.16
CA LEU B 176 19.32 1.06 -31.30
C LEU B 176 20.02 1.74 -30.13
N SER B 177 19.50 2.89 -29.73
CA SER B 177 20.03 3.64 -28.60
C SER B 177 19.77 2.89 -27.30
N ALA B 178 20.47 3.29 -26.25
CA ALA B 178 20.25 2.73 -24.92
C ALA B 178 18.79 2.87 -24.49
N THR B 179 18.19 4.04 -24.73
CA THR B 179 16.81 4.28 -24.35
C THR B 179 15.82 3.50 -25.23
N GLN B 180 16.12 3.40 -26.53
CA GLN B 180 15.33 2.54 -27.42
C GLN B 180 15.41 1.07 -27.01
N THR B 181 16.62 0.61 -26.67
CA THR B 181 16.84 -0.77 -26.26
C THR B 181 16.03 -1.13 -25.00
N VAL B 182 16.11 -0.27 -23.99
CA VAL B 182 15.39 -0.46 -22.74
C VAL B 182 13.88 -0.50 -22.96
N SER B 183 13.40 0.42 -23.80
CA SER B 183 11.99 0.53 -24.11
C SER B 183 11.47 -0.73 -24.81
N LYS B 184 12.25 -1.27 -25.74
CA LYS B 184 11.86 -2.48 -26.47
C LYS B 184 11.93 -3.74 -25.61
N LYS B 185 12.96 -3.84 -24.77
CA LYS B 185 13.16 -4.99 -23.89
C LYS B 185 12.03 -5.14 -22.87
N TYR B 186 11.60 -4.03 -22.29
CA TYR B 186 10.61 -4.05 -21.22
C TYR B 186 9.21 -3.56 -21.63
N GLY B 187 9.11 -3.02 -22.85
CA GLY B 187 7.83 -2.50 -23.35
C GLY B 187 7.32 -1.30 -22.56
N ILE B 188 8.25 -0.49 -22.07
CA ILE B 188 7.92 0.67 -21.23
C ILE B 188 8.48 1.96 -21.86
N PRO B 189 7.83 3.11 -21.58
CA PRO B 189 8.37 4.38 -22.07
C PRO B 189 9.65 4.76 -21.35
N VAL B 190 10.59 5.35 -22.09
CA VAL B 190 11.76 5.99 -21.51
C VAL B 190 11.67 7.47 -21.84
N LEU B 191 11.50 8.28 -20.81
CA LEU B 191 11.33 9.71 -20.95
C LEU B 191 12.66 10.39 -20.71
N SER B 192 12.83 11.57 -21.29
CA SER B 192 13.99 12.41 -20.98
C SER B 192 13.58 13.87 -21.05
N ILE B 193 14.13 14.70 -20.16
CA ILE B 193 13.89 16.14 -20.21
C ILE B 193 14.38 16.67 -21.57
N VAL B 194 15.62 16.31 -21.93
CA VAL B 194 16.20 16.67 -23.22
C VAL B 194 17.01 15.50 -23.79
N SER B 195 17.28 15.57 -25.10
CA SER B 195 18.16 14.64 -25.77
C SER B 195 19.33 15.43 -26.34
N LEU B 196 20.36 14.71 -26.78
CA LEU B 196 21.52 15.38 -27.38
C LEU B 196 21.13 16.24 -28.59
N ILE B 197 20.18 15.75 -29.39
CA ILE B 197 19.70 16.51 -30.54
C ILE B 197 19.16 17.89 -30.13
N HIS B 198 18.43 17.93 -29.01
CA HIS B 198 17.93 19.19 -28.44
C HIS B 198 19.07 20.16 -28.11
N ILE B 199 20.12 19.64 -27.46
CA ILE B 199 21.31 20.43 -27.12
C ILE B 199 21.95 21.03 -28.38
N ILE B 200 22.19 20.19 -29.39
CA ILE B 200 22.82 20.63 -30.64
C ILE B 200 21.94 21.66 -31.35
N THR B 201 20.67 21.32 -31.54
CA THR B 201 19.71 22.21 -32.23
C THR B 201 19.57 23.56 -31.51
N TYR B 202 19.35 23.53 -30.20
CA TYR B 202 19.14 24.77 -29.44
C TYR B 202 20.37 25.69 -29.37
N LEU B 203 21.55 25.11 -29.14
CA LEU B 203 22.75 25.92 -28.93
C LEU B 203 23.32 26.52 -30.22
N GLU B 204 22.98 25.93 -31.37
CA GLU B 204 23.40 26.43 -32.68
C GLU B 204 24.89 26.78 -32.68
N GLY B 205 25.20 28.04 -32.98
CA GLY B 205 26.58 28.51 -33.09
C GLY B 205 27.28 28.75 -31.76
N ARG B 206 26.58 28.51 -30.65
CA ARG B 206 27.18 28.65 -29.32
C ARG B 206 28.11 27.48 -29.01
N ILE B 207 27.91 26.36 -29.70
CA ILE B 207 28.89 25.29 -29.75
C ILE B 207 29.84 25.63 -30.91
N THR B 208 31.13 25.75 -30.63
CA THR B 208 32.10 26.16 -31.66
C THR B 208 32.25 25.11 -32.77
N ALA B 209 32.74 25.56 -33.92
CA ALA B 209 32.99 24.68 -35.08
C ALA B 209 33.82 23.46 -34.69
N GLU B 210 34.87 23.70 -33.91
CA GLU B 210 35.74 22.64 -33.41
C GLU B 210 34.98 21.67 -32.50
N GLU B 211 34.21 22.22 -31.56
CA GLU B 211 33.40 21.41 -30.65
C GLU B 211 32.34 20.61 -31.41
N LYS B 212 31.73 21.23 -32.42
CA LYS B 212 30.75 20.56 -33.28
C LYS B 212 31.32 19.34 -34.00
N SER B 213 32.50 19.49 -34.60
CA SER B 213 33.12 18.41 -35.38
C SER B 213 33.50 17.24 -34.49
N LYS B 214 33.94 17.55 -33.27
CA LYS B 214 34.25 16.52 -32.28
C LYS B 214 33.02 15.70 -31.91
N ILE B 215 31.88 16.38 -31.72
CA ILE B 215 30.60 15.73 -31.46
C ILE B 215 30.21 14.83 -32.64
N GLU B 216 30.29 15.37 -33.86
CA GLU B 216 29.95 14.60 -35.06
C GLU B 216 30.84 13.36 -35.20
N GLN B 217 32.13 13.53 -34.98
CA GLN B 217 33.08 12.42 -35.01
C GLN B 217 32.76 11.36 -33.95
N TYR B 218 32.35 11.80 -32.76
CA TYR B 218 31.95 10.88 -31.69
C TYR B 218 30.71 10.09 -32.05
N LEU B 219 29.72 10.77 -32.63
CA LEU B 219 28.46 10.14 -33.01
C LEU B 219 28.61 9.19 -34.20
N GLN B 220 29.64 9.41 -35.01
CA GLN B 220 29.99 8.49 -36.09
C GLN B 220 30.46 7.15 -35.53
N THR B 221 31.04 7.17 -34.34
CA THR B 221 31.39 5.96 -33.59
C THR B 221 30.21 5.41 -32.79
N TYR B 222 29.57 6.27 -32.00
CA TYR B 222 28.59 5.81 -31.00
C TYR B 222 27.12 6.19 -31.20
N GLY B 223 26.85 7.13 -32.10
CA GLY B 223 25.48 7.60 -32.32
C GLY B 223 24.52 6.50 -32.73
N ALA B 224 23.30 6.56 -32.20
CA ALA B 224 22.26 5.60 -32.58
C ALA B 224 21.78 5.83 -34.01
N SER B 225 21.28 4.76 -34.65
CA SER B 225 20.79 4.83 -36.03
C SER B 225 19.47 5.60 -36.12
N LEU C 5 -30.96 0.01 23.95
CA LEU C 5 -30.82 -0.91 22.77
C LEU C 5 -31.30 -0.22 21.49
N GLU C 6 -30.43 -0.18 20.50
CA GLU C 6 -30.72 0.48 19.23
C GLU C 6 -31.51 -0.43 18.28
N ASP C 7 -32.21 0.19 17.33
CA ASP C 7 -33.05 -0.53 16.37
C ASP C 7 -32.31 -1.65 15.64
N TYR C 8 -31.08 -1.40 15.22
CA TYR C 8 -30.28 -2.41 14.51
C TYR C 8 -29.91 -3.59 15.41
N GLN C 9 -29.79 -3.34 16.71
CA GLN C 9 -29.53 -4.40 17.68
C GLN C 9 -30.78 -5.22 17.92
N LYS C 10 -31.94 -4.55 17.93
CA LYS C 10 -33.24 -5.21 18.04
C LYS C 10 -33.48 -6.10 16.82
N ASN C 11 -33.18 -5.56 15.64
CA ASN C 11 -33.28 -6.32 14.40
C ASN C 11 -32.40 -7.56 14.41
N PHE C 12 -31.14 -7.40 14.84
CA PHE C 12 -30.19 -8.50 14.90
C PHE C 12 -30.65 -9.63 15.83
N LEU C 13 -31.09 -9.26 17.02
CA LEU C 13 -31.54 -10.22 18.02
C LEU C 13 -32.78 -10.99 17.56
N GLU C 14 -33.70 -10.27 16.94
CA GLU C 14 -34.92 -10.88 16.41
C GLU C 14 -34.59 -11.93 15.35
N LEU C 15 -33.70 -11.57 14.43
CA LEU C 15 -33.24 -12.48 13.37
C LEU C 15 -32.45 -13.67 13.91
N ALA C 16 -31.71 -13.45 15.00
CA ALA C 16 -30.87 -14.48 15.61
C ALA C 16 -31.65 -15.71 16.06
N ILE C 17 -32.86 -15.47 16.57
CA ILE C 17 -33.77 -16.56 16.98
C ILE C 17 -34.37 -17.23 15.75
N GLU C 18 -34.98 -16.41 14.89
CA GLU C 18 -35.58 -16.85 13.62
C GLU C 18 -34.76 -17.90 12.88
N CYS C 19 -33.45 -17.67 12.77
CA CYS C 19 -32.56 -18.58 12.06
C CYS C 19 -31.86 -19.59 12.98
N GLN C 20 -32.30 -19.66 14.24
CA GLN C 20 -31.71 -20.49 15.32
C GLN C 20 -30.21 -20.29 15.59
N ALA C 21 -29.71 -19.08 15.34
CA ALA C 21 -28.33 -18.74 15.69
C ALA C 21 -28.14 -18.85 17.20
N LEU C 22 -29.11 -18.32 17.94
CA LEU C 22 -29.08 -18.37 19.39
C LEU C 22 -29.96 -19.53 19.86
N ARG C 23 -29.34 -20.51 20.51
CA ARG C 23 -30.09 -21.61 21.11
C ARG C 23 -29.59 -22.03 22.49
N PHE C 24 -30.53 -22.47 23.31
CA PHE C 24 -30.26 -22.83 24.69
C PHE C 24 -30.21 -24.34 24.80
N GLY C 25 -29.31 -24.84 25.63
CA GLY C 25 -29.11 -26.29 25.80
C GLY C 25 -27.81 -26.60 26.52
N SER C 26 -27.22 -27.74 26.20
CA SER C 26 -25.93 -28.13 26.76
C SER C 26 -24.84 -28.19 25.69
N PHE C 27 -23.91 -27.24 25.74
CA PHE C 27 -22.84 -27.16 24.74
C PHE C 27 -21.45 -27.12 25.39
N LYS C 28 -20.55 -27.96 24.90
CA LYS C 28 -19.17 -27.92 25.33
C LYS C 28 -18.42 -26.93 24.45
N LEU C 29 -18.00 -25.81 25.04
CA LEU C 29 -17.36 -24.73 24.28
C LEU C 29 -15.91 -25.04 23.92
N LYS C 30 -15.34 -24.20 23.07
CA LYS C 30 -13.95 -24.32 22.65
C LYS C 30 -13.00 -24.36 23.86
N SER C 31 -13.26 -23.49 24.83
CA SER C 31 -12.46 -23.43 26.06
C SER C 31 -12.73 -24.62 27.00
N GLY C 32 -13.72 -25.44 26.66
CA GLY C 32 -14.04 -26.63 27.44
C GLY C 32 -15.13 -26.47 28.48
N ARG C 33 -15.71 -25.27 28.55
CA ARG C 33 -16.75 -24.98 29.54
C ARG C 33 -18.09 -25.54 29.08
N GLU C 34 -18.89 -26.03 30.03
CA GLU C 34 -20.23 -26.52 29.71
C GLU C 34 -21.25 -25.39 29.78
N SER C 35 -21.68 -24.92 28.62
CA SER C 35 -22.56 -23.75 28.50
C SER C 35 -24.04 -24.10 28.37
N PRO C 36 -24.93 -23.26 28.96
CA PRO C 36 -26.39 -23.41 28.83
C PRO C 36 -26.96 -22.76 27.56
N TYR C 37 -26.09 -22.18 26.74
CA TYR C 37 -26.50 -21.57 25.46
C TYR C 37 -25.34 -21.55 24.46
N PHE C 38 -25.67 -21.39 23.18
CA PHE C 38 -24.67 -21.27 22.12
C PHE C 38 -25.15 -20.27 21.10
N PHE C 39 -24.24 -19.44 20.61
CA PHE C 39 -24.54 -18.54 19.50
C PHE C 39 -23.77 -18.95 18.25
N ASN C 40 -24.52 -19.39 17.25
CA ASN C 40 -23.96 -19.86 15.99
C ASN C 40 -24.24 -18.84 14.89
N LEU C 41 -23.28 -17.94 14.65
CA LEU C 41 -23.43 -16.88 13.65
C LEU C 41 -23.54 -17.43 12.22
N GLY C 42 -22.95 -18.61 12.00
CA GLY C 42 -22.97 -19.27 10.70
C GLY C 42 -24.36 -19.59 10.18
N LEU C 43 -25.36 -19.47 11.06
CA LEU C 43 -26.76 -19.74 10.71
C LEU C 43 -27.47 -18.54 10.10
N PHE C 44 -26.80 -17.37 10.11
CA PHE C 44 -27.19 -16.23 9.29
C PHE C 44 -26.67 -16.57 7.88
N ASN C 45 -27.34 -17.51 7.21
CA ASN C 45 -26.75 -18.13 6.03
C ASN C 45 -27.51 -17.94 4.71
N THR C 46 -28.54 -17.11 4.74
CA THR C 46 -29.25 -16.74 3.51
C THR C 46 -28.80 -15.34 3.09
N GLY C 47 -29.12 -14.97 1.85
CA GLY C 47 -28.80 -13.63 1.35
C GLY C 47 -29.41 -12.52 2.20
N LYS C 48 -30.65 -12.71 2.61
CA LYS C 48 -31.35 -11.75 3.47
C LYS C 48 -30.64 -11.61 4.82
N LEU C 49 -30.29 -12.75 5.42
CA LEU C 49 -29.67 -12.75 6.75
C LEU C 49 -28.26 -12.21 6.73
N LEU C 50 -27.48 -12.58 5.72
CA LEU C 50 -26.13 -12.05 5.55
C LEU C 50 -26.13 -10.53 5.32
N SER C 51 -27.09 -10.05 4.52
CA SER C 51 -27.24 -8.60 4.25
C SER C 51 -27.51 -7.83 5.54
N ASN C 52 -28.44 -8.34 6.34
CA ASN C 52 -28.75 -7.77 7.66
C ASN C 52 -27.56 -7.83 8.62
N LEU C 53 -26.83 -8.94 8.58
CA LEU C 53 -25.66 -9.12 9.44
C LEU C 53 -24.57 -8.12 9.09
N ALA C 54 -24.27 -8.02 7.80
CA ALA C 54 -23.30 -7.05 7.30
C ALA C 54 -23.65 -5.61 7.70
N THR C 55 -24.93 -5.25 7.63
CA THR C 55 -25.40 -3.91 8.03
C THR C 55 -25.16 -3.67 9.53
N ALA C 56 -25.49 -4.67 10.36
CA ALA C 56 -25.30 -4.57 11.81
C ALA C 56 -23.83 -4.31 12.19
N TYR C 57 -22.92 -5.10 11.63
CA TYR C 57 -21.50 -4.92 11.87
C TYR C 57 -21.05 -3.53 11.42
N ALA C 58 -21.49 -3.13 10.22
CA ALA C 58 -21.09 -1.86 9.61
C ALA C 58 -21.56 -0.65 10.41
N ILE C 59 -22.82 -0.66 10.84
CA ILE C 59 -23.35 0.39 11.71
C ILE C 59 -22.52 0.51 12.99
N ALA C 60 -22.28 -0.62 13.66
CA ALA C 60 -21.46 -0.62 14.88
C ALA C 60 -20.08 -0.03 14.63
N ILE C 61 -19.44 -0.42 13.52
CA ILE C 61 -18.10 0.08 13.17
C ILE C 61 -18.10 1.59 12.89
N ILE C 62 -19.06 2.04 12.09
CA ILE C 62 -19.20 3.46 11.73
C ILE C 62 -19.39 4.33 12.97
N GLN C 63 -20.34 3.93 13.83
CA GLN C 63 -20.65 4.66 15.05
C GLN C 63 -19.48 4.74 16.05
N SER C 64 -18.54 3.80 15.95
CA SER C 64 -17.36 3.77 16.82
C SER C 64 -16.31 4.82 16.47
N ASP C 65 -16.40 5.37 15.26
CA ASP C 65 -15.42 6.33 14.72
C ASP C 65 -13.98 5.80 14.61
N LEU C 66 -13.81 4.48 14.73
CA LEU C 66 -12.51 3.84 14.61
C LEU C 66 -11.87 4.09 13.25
N LYS C 67 -10.58 4.41 13.25
CA LYS C 67 -9.81 4.63 12.03
C LYS C 67 -8.98 3.39 11.73
N PHE C 68 -9.22 2.77 10.57
CA PHE C 68 -8.49 1.57 10.16
C PHE C 68 -8.36 1.52 8.64
N ASP C 69 -7.46 0.66 8.16
CA ASP C 69 -7.17 0.52 6.73
C ASP C 69 -7.77 -0.76 6.17
N VAL C 70 -7.74 -1.81 6.98
CA VAL C 70 -8.04 -3.18 6.55
C VAL C 70 -8.94 -3.87 7.57
N ILE C 71 -10.00 -4.53 7.09
CA ILE C 71 -10.78 -5.44 7.92
C ILE C 71 -10.30 -6.88 7.67
N PHE C 72 -9.88 -7.54 8.74
CA PHE C 72 -9.31 -8.88 8.65
C PHE C 72 -10.22 -9.90 9.34
N GLY C 73 -10.55 -10.95 8.59
CA GLY C 73 -11.36 -12.06 9.11
C GLY C 73 -10.56 -13.34 9.13
N PRO C 74 -10.47 -14.00 10.30
CA PRO C 74 -9.75 -15.26 10.40
C PRO C 74 -10.47 -16.43 9.72
N ALA C 75 -9.69 -17.29 9.07
CA ALA C 75 -10.21 -18.50 8.43
C ALA C 75 -10.82 -19.45 9.47
N TYR C 76 -11.91 -20.15 9.13
CA TYR C 76 -12.61 -20.04 7.84
C TYR C 76 -13.77 -19.06 7.87
N LYS C 77 -14.53 -19.08 8.98
CA LYS C 77 -15.80 -18.35 9.07
C LYS C 77 -15.68 -16.82 9.14
N GLY C 78 -14.49 -16.32 9.42
CA GLY C 78 -14.25 -14.89 9.39
C GLY C 78 -14.06 -14.35 7.98
N ILE C 79 -13.74 -15.22 7.03
CA ILE C 79 -13.53 -14.78 5.65
C ILE C 79 -14.78 -14.14 5.02
N PRO C 80 -15.93 -14.85 5.03
CA PRO C 80 -17.16 -14.21 4.52
C PRO C 80 -17.60 -12.96 5.29
N LEU C 81 -17.36 -12.91 6.61
CA LEU C 81 -17.69 -11.72 7.41
C LEU C 81 -16.91 -10.48 6.99
N ALA C 82 -15.59 -10.61 6.85
CA ALA C 82 -14.74 -9.49 6.42
C ALA C 82 -15.15 -9.00 5.02
N ALA C 83 -15.49 -9.94 4.14
CA ALA C 83 -15.89 -9.60 2.78
C ALA C 83 -17.19 -8.78 2.74
N ILE C 84 -18.23 -9.30 3.37
CA ILE C 84 -19.55 -8.65 3.33
C ILE C 84 -19.61 -7.35 4.11
N VAL C 85 -18.83 -7.25 5.18
CA VAL C 85 -18.79 -6.00 5.95
C VAL C 85 -17.98 -4.92 5.22
N CYS C 86 -16.89 -5.31 4.57
CA CYS C 86 -16.11 -4.41 3.73
C CYS C 86 -17.00 -3.75 2.67
N VAL C 87 -17.77 -4.58 1.95
CA VAL C 87 -18.76 -4.10 0.98
C VAL C 87 -19.77 -3.15 1.65
N LYS C 88 -20.36 -3.59 2.76
CA LYS C 88 -21.36 -2.80 3.46
C LYS C 88 -20.85 -1.44 3.95
N LEU C 89 -19.60 -1.41 4.41
CA LEU C 89 -18.99 -0.15 4.83
C LEU C 89 -18.93 0.85 3.68
N ALA C 90 -18.57 0.39 2.48
CA ALA C 90 -18.56 1.26 1.30
C ALA C 90 -19.95 1.72 0.88
N GLU C 91 -20.96 0.90 1.12
CA GLU C 91 -22.33 1.19 0.70
C GLU C 91 -23.06 2.14 1.66
N ILE C 92 -22.79 2.01 2.96
CA ILE C 92 -23.49 2.86 3.93
C ILE C 92 -22.61 3.92 4.62
N GLY C 93 -21.29 3.77 4.55
CA GLY C 93 -20.35 4.62 5.27
C GLY C 93 -19.86 5.93 4.67
N GLY C 94 -20.14 6.18 3.40
CA GLY C 94 -19.62 7.41 2.76
C GLY C 94 -18.17 7.30 2.29
N SER C 95 -17.62 8.43 1.85
CA SER C 95 -16.37 8.41 1.06
C SER C 95 -15.13 7.86 1.77
N LYS C 96 -15.03 8.06 3.08
CA LYS C 96 -13.86 7.59 3.82
C LYS C 96 -13.79 6.05 3.96
N PHE C 97 -14.87 5.37 3.58
CA PHE C 97 -14.95 3.89 3.64
C PHE C 97 -14.89 3.19 2.28
N GLN C 98 -14.73 3.97 1.20
CA GLN C 98 -14.69 3.40 -0.14
C GLN C 98 -13.47 2.53 -0.40
N ASN C 99 -12.33 2.92 0.17
CA ASN C 99 -11.08 2.24 -0.12
C ASN C 99 -10.54 1.36 1.01
N ILE C 100 -11.37 1.12 2.03
CA ILE C 100 -11.07 0.09 3.03
C ILE C 100 -10.89 -1.25 2.33
N GLN C 101 -9.81 -1.95 2.68
CA GLN C 101 -9.53 -3.26 2.10
C GLN C 101 -9.89 -4.41 3.05
N TYR C 102 -10.06 -5.59 2.49
CA TYR C 102 -10.30 -6.76 3.31
C TYR C 102 -9.18 -7.77 3.12
N ALA C 103 -8.90 -8.53 4.16
CA ALA C 103 -7.88 -9.56 4.13
C ALA C 103 -8.27 -10.75 4.99
N PHE C 104 -7.62 -11.87 4.75
CA PHE C 104 -7.79 -13.07 5.55
C PHE C 104 -6.58 -13.98 5.40
N ASN C 105 -6.55 -15.05 6.19
CA ASN C 105 -5.44 -15.99 6.17
C ASN C 105 -5.84 -17.34 5.60
N ARG C 106 -4.86 -18.07 5.10
CA ARG C 106 -5.01 -19.49 4.81
C ARG C 106 -4.56 -20.24 6.04
N LYS C 107 -5.13 -21.41 6.29
CA LYS C 107 -4.71 -22.24 7.43
C LYS C 107 -3.26 -22.70 7.24
N GLU C 108 -2.91 -23.06 6.01
CA GLU C 108 -1.50 -23.28 5.62
C GLU C 108 -1.19 -22.69 4.23
N ALA C 109 0.05 -22.26 4.04
CA ALA C 109 0.49 -21.58 2.81
C ALA C 109 0.26 -22.41 1.55
N GLY C 116 1.88 -15.27 1.14
CA GLY C 116 2.12 -16.67 1.48
C GLY C 116 0.99 -17.27 2.30
N ILE C 117 0.72 -16.66 3.45
CA ILE C 117 -0.34 -17.13 4.34
C ILE C 117 -1.48 -16.12 4.44
N ILE C 118 -1.18 -14.86 4.11
CA ILE C 118 -2.18 -13.78 4.05
C ILE C 118 -2.70 -13.60 2.63
N VAL C 119 -4.03 -13.58 2.48
CA VAL C 119 -4.67 -13.28 1.20
C VAL C 119 -5.16 -11.83 1.19
N GLY C 120 -4.52 -11.01 0.37
CA GLY C 120 -4.80 -9.59 0.31
C GLY C 120 -3.51 -8.81 0.17
N SER C 121 -3.61 -7.49 0.16
CA SER C 121 -2.44 -6.62 0.16
C SER C 121 -1.63 -6.85 1.44
N ALA C 122 -0.31 -6.62 1.36
CA ALA C 122 0.57 -6.75 2.53
C ALA C 122 0.00 -5.97 3.71
N LEU C 123 -0.04 -6.62 4.87
CA LEU C 123 -0.58 -6.02 6.08
C LEU C 123 0.44 -5.15 6.82
N GLU C 124 1.72 -5.28 6.45
CA GLU C 124 2.81 -4.47 7.03
C GLU C 124 2.42 -3.00 7.16
N ASN C 125 2.51 -2.48 8.38
CA ASN C 125 2.27 -1.07 8.70
C ASN C 125 0.84 -0.56 8.45
N LYS C 126 -0.10 -1.48 8.17
CA LYS C 126 -1.51 -1.09 7.96
C LYS C 126 -2.30 -1.22 9.26
N ARG C 127 -3.31 -0.37 9.43
CA ARG C 127 -4.15 -0.39 10.62
C ARG C 127 -5.30 -1.39 10.44
N ILE C 128 -5.28 -2.45 11.23
CA ILE C 128 -6.19 -3.58 11.04
C ILE C 128 -7.31 -3.63 12.06
N LEU C 129 -8.53 -3.81 11.56
CA LEU C 129 -9.68 -4.19 12.40
C LEU C 129 -9.97 -5.68 12.23
N ILE C 130 -9.92 -6.43 13.33
CA ILE C 130 -10.27 -7.87 13.31
C ILE C 130 -11.77 -8.05 13.46
N ILE C 131 -12.36 -8.84 12.57
CA ILE C 131 -13.78 -9.21 12.67
C ILE C 131 -13.90 -10.70 12.96
N ASP C 132 -14.74 -11.05 13.92
CA ASP C 132 -14.99 -12.46 14.24
C ASP C 132 -16.41 -12.57 14.79
N ASP C 133 -16.80 -13.77 15.18
CA ASP C 133 -18.20 -14.05 15.51
C ASP C 133 -18.56 -13.82 16.98
N VAL C 134 -17.85 -14.49 17.87
CA VAL C 134 -18.20 -14.52 19.29
C VAL C 134 -16.90 -14.55 20.08
N MET C 135 -16.89 -13.86 21.23
CA MET C 135 -15.78 -13.99 22.18
C MET C 135 -16.25 -14.60 23.50
N THR C 136 -15.52 -15.62 23.94
CA THR C 136 -15.81 -16.31 25.19
C THR C 136 -14.63 -16.09 26.12
N ALA C 137 -13.52 -16.76 25.83
CA ALA C 137 -12.30 -16.63 26.62
C ALA C 137 -11.26 -15.75 25.92
N GLY C 138 -11.52 -15.40 24.66
CA GLY C 138 -10.61 -14.54 23.89
C GLY C 138 -9.53 -15.28 23.12
N THR C 139 -9.54 -16.60 23.18
CA THR C 139 -8.53 -17.42 22.51
C THR C 139 -8.48 -17.16 20.99
N ALA C 140 -9.63 -17.24 20.34
CA ALA C 140 -9.72 -17.01 18.89
C ALA C 140 -9.13 -15.67 18.45
N ILE C 141 -9.37 -14.63 19.25
CA ILE C 141 -8.85 -13.30 18.92
C ILE C 141 -7.33 -13.22 19.15
N ASN C 142 -6.85 -13.80 20.26
CA ASN C 142 -5.41 -13.93 20.48
C ASN C 142 -4.72 -14.63 19.31
N GLU C 143 -5.38 -15.67 18.80
CA GLU C 143 -4.94 -16.40 17.60
C GLU C 143 -4.77 -15.44 16.42
N ALA C 144 -5.80 -14.65 16.14
CA ALA C 144 -5.77 -13.68 15.03
C ALA C 144 -4.70 -12.61 15.25
N PHE C 145 -4.50 -12.21 16.50
CA PHE C 145 -3.45 -11.26 16.87
C PHE C 145 -2.06 -11.75 16.44
N GLU C 146 -1.75 -13.00 16.77
CA GLU C 146 -0.46 -13.60 16.38
C GLU C 146 -0.28 -13.62 14.86
N ILE C 147 -1.32 -14.01 14.12
CA ILE C 147 -1.27 -14.03 12.65
C ILE C 147 -0.93 -12.64 12.09
N ILE C 148 -1.59 -11.61 12.61
CA ILE C 148 -1.39 -10.24 12.15
C ILE C 148 -0.03 -9.65 12.55
N SER C 149 0.47 -10.03 13.74
CA SER C 149 1.81 -9.63 14.15
C SER C 149 2.88 -10.32 13.29
N ASN C 150 2.66 -11.58 12.94
CA ASN C 150 3.52 -12.28 11.97
C ASN C 150 3.62 -11.49 10.67
N ALA C 151 2.47 -10.95 10.23
CA ALA C 151 2.38 -10.16 9.01
C ALA C 151 2.87 -8.71 9.20
N LYS C 152 3.18 -8.36 10.45
CA LYS C 152 3.67 -7.03 10.83
C LYS C 152 2.64 -5.93 10.66
N GLY C 153 1.37 -6.30 10.83
CA GLY C 153 0.29 -5.32 10.84
C GLY C 153 0.08 -4.76 12.24
N GLN C 154 -0.67 -3.66 12.31
CA GLN C 154 -0.99 -3.02 13.57
C GLN C 154 -2.50 -3.12 13.88
N VAL C 155 -2.87 -4.05 14.76
CA VAL C 155 -4.28 -4.18 15.16
C VAL C 155 -4.70 -2.94 15.94
N VAL C 156 -5.75 -2.28 15.46
CA VAL C 156 -6.29 -1.08 16.11
C VAL C 156 -7.67 -1.30 16.72
N GLY C 157 -8.25 -2.47 16.49
CA GLY C 157 -9.56 -2.78 17.03
C GLY C 157 -10.05 -4.16 16.68
N SER C 158 -11.15 -4.55 17.30
CA SER C 158 -11.82 -5.79 16.95
C SER C 158 -13.33 -5.64 17.10
N ILE C 159 -14.06 -6.37 16.26
CA ILE C 159 -15.51 -6.43 16.37
C ILE C 159 -16.00 -7.86 16.30
N ILE C 160 -16.96 -8.19 17.15
CA ILE C 160 -17.58 -9.50 17.18
C ILE C 160 -19.09 -9.29 17.17
N ALA C 161 -19.84 -10.30 16.75
CA ALA C 161 -21.29 -10.18 16.78
C ALA C 161 -21.81 -10.28 18.22
N LEU C 162 -21.26 -11.22 19.01
CA LEU C 162 -21.68 -11.40 20.40
C LEU C 162 -20.54 -11.41 21.41
N ASP C 163 -20.62 -10.49 22.39
CA ASP C 163 -19.76 -10.51 23.58
C ASP C 163 -20.47 -11.33 24.65
N ARG C 164 -19.93 -12.52 24.94
CA ARG C 164 -20.55 -13.41 25.94
C ARG C 164 -20.31 -12.91 27.37
N GLN C 165 -19.45 -11.89 27.51
CA GLN C 165 -19.17 -11.20 28.79
C GLN C 165 -18.66 -12.17 29.87
N GLU C 166 -17.77 -13.08 29.47
CA GLU C 166 -17.20 -14.08 30.36
C GLU C 166 -15.73 -13.79 30.62
N VAL C 167 -15.18 -14.42 31.66
CA VAL C 167 -13.78 -14.25 32.01
C VAL C 167 -12.87 -15.02 31.05
N VAL C 168 -11.60 -14.62 31.00
CA VAL C 168 -10.59 -15.38 30.27
C VAL C 168 -10.36 -16.70 30.99
N SER C 169 -10.30 -16.62 32.33
CA SER C 169 -10.05 -17.76 33.21
C SER C 169 -10.69 -17.49 34.57
N THR C 170 -11.19 -18.55 35.21
CA THR C 170 -11.73 -18.46 36.57
C THR C 170 -10.64 -18.21 37.63
N ASP C 171 -9.38 -18.47 37.27
CA ASP C 171 -8.24 -18.21 38.16
C ASP C 171 -8.04 -16.72 38.44
N ASP C 172 -8.40 -15.90 37.45
CA ASP C 172 -8.14 -14.45 37.51
C ASP C 172 -8.87 -13.79 38.68
N LYS C 173 -8.11 -13.04 39.48
CA LYS C 173 -8.66 -12.37 40.66
C LYS C 173 -9.57 -11.20 40.26
N GLU C 174 -9.07 -10.33 39.38
CA GLU C 174 -9.80 -9.14 38.92
C GLU C 174 -11.12 -9.48 38.22
N GLY C 175 -11.14 -10.58 37.48
CA GLY C 175 -12.36 -11.10 36.84
C GLY C 175 -12.82 -10.30 35.63
N LEU C 176 -11.88 -9.67 34.94
CA LEU C 176 -12.20 -8.91 33.73
C LEU C 176 -12.71 -9.85 32.63
N SER C 177 -13.62 -9.35 31.81
CA SER C 177 -14.13 -10.13 30.69
C SER C 177 -13.08 -10.23 29.58
N ALA C 178 -13.26 -11.21 28.70
CA ALA C 178 -12.37 -11.41 27.56
C ALA C 178 -12.18 -10.11 26.75
N THR C 179 -13.28 -9.44 26.42
CA THR C 179 -13.23 -8.17 25.67
C THR C 179 -12.54 -7.06 26.46
N GLN C 180 -12.80 -7.00 27.76
CA GLN C 180 -12.13 -6.03 28.64
C GLN C 180 -10.63 -6.29 28.72
N THR C 181 -10.26 -7.57 28.82
CA THR C 181 -8.86 -7.97 28.87
C THR C 181 -8.10 -7.58 27.61
N VAL C 182 -8.70 -7.81 26.44
CA VAL C 182 -8.08 -7.43 25.16
C VAL C 182 -7.87 -5.92 25.07
N SER C 183 -8.93 -5.16 25.32
CA SER C 183 -8.87 -3.69 25.34
C SER C 183 -7.76 -3.18 26.26
N LYS C 184 -7.74 -3.68 27.49
CA LYS C 184 -6.80 -3.26 28.51
C LYS C 184 -5.37 -3.65 28.16
N LYS C 185 -5.21 -4.84 27.58
CA LYS C 185 -3.90 -5.37 27.18
C LYS C 185 -3.29 -4.63 25.99
N TYR C 186 -4.13 -4.22 25.05
CA TYR C 186 -3.65 -3.63 23.80
C TYR C 186 -3.98 -2.16 23.61
N GLY C 187 -4.89 -1.63 24.43
CA GLY C 187 -5.33 -0.24 24.31
C GLY C 187 -6.22 -0.03 23.11
N ILE C 188 -6.91 -1.09 22.69
CA ILE C 188 -7.78 -1.03 21.51
C ILE C 188 -9.24 -1.27 21.89
N PRO C 189 -10.17 -0.59 21.20
CA PRO C 189 -11.58 -0.90 21.46
C PRO C 189 -11.94 -2.30 20.96
N VAL C 190 -12.79 -2.98 21.71
CA VAL C 190 -13.33 -4.26 21.28
C VAL C 190 -14.84 -4.09 21.20
N LEU C 191 -15.34 -3.98 19.97
CA LEU C 191 -16.74 -3.70 19.72
C LEU C 191 -17.54 -4.98 19.62
N SER C 192 -18.83 -4.90 19.93
CA SER C 192 -19.74 -6.02 19.72
C SER C 192 -21.09 -5.51 19.26
N ILE C 193 -21.73 -6.23 18.33
CA ILE C 193 -23.05 -5.86 17.89
C ILE C 193 -23.98 -5.89 19.09
N VAL C 194 -23.93 -7.00 19.84
CA VAL C 194 -24.71 -7.18 21.07
C VAL C 194 -23.87 -7.90 22.15
N SER C 195 -24.32 -7.79 23.40
CA SER C 195 -23.75 -8.53 24.52
C SER C 195 -24.77 -9.51 25.10
N LEU C 196 -24.33 -10.43 25.95
CA LEU C 196 -25.23 -11.40 26.54
C LEU C 196 -26.38 -10.73 27.31
N ILE C 197 -26.06 -9.65 28.03
CA ILE C 197 -27.07 -8.90 28.77
C ILE C 197 -28.23 -8.44 27.87
N HIS C 198 -27.91 -8.07 26.64
CA HIS C 198 -28.91 -7.66 25.65
C HIS C 198 -29.85 -8.83 25.32
N ILE C 199 -29.28 -10.02 25.15
CA ILE C 199 -30.05 -11.25 24.95
C ILE C 199 -30.94 -11.52 26.16
N ILE C 200 -30.40 -11.31 27.35
CA ILE C 200 -31.13 -11.49 28.60
C ILE C 200 -32.26 -10.48 28.74
N THR C 201 -31.95 -9.20 28.56
CA THR C 201 -32.92 -8.12 28.71
C THR C 201 -34.00 -8.17 27.63
N TYR C 202 -33.59 -8.03 26.37
CA TYR C 202 -34.52 -7.93 25.25
C TYR C 202 -35.37 -9.18 25.06
N LEU C 203 -34.76 -10.34 25.30
CA LEU C 203 -35.47 -11.61 25.20
C LEU C 203 -35.60 -12.25 26.58
N GLU C 204 -36.83 -12.28 27.10
CA GLU C 204 -37.09 -12.84 28.43
C GLU C 204 -38.19 -13.89 28.43
N GLY C 205 -39.31 -13.59 27.77
CA GLY C 205 -40.40 -14.56 27.62
C GLY C 205 -40.00 -15.70 26.69
N ARG C 206 -39.04 -15.41 25.82
CA ARG C 206 -38.53 -16.38 24.85
C ARG C 206 -37.64 -17.42 25.52
N ILE C 207 -37.06 -17.05 26.66
CA ILE C 207 -36.24 -17.93 27.48
C ILE C 207 -37.05 -18.49 28.65
N THR C 208 -37.17 -19.83 28.72
CA THR C 208 -37.92 -20.49 29.79
C THR C 208 -37.25 -20.30 31.15
N ALA C 209 -38.01 -20.59 32.22
CA ALA C 209 -37.53 -20.44 33.59
C ALA C 209 -36.32 -21.33 33.89
N GLU C 210 -36.35 -22.57 33.39
CA GLU C 210 -35.23 -23.50 33.51
C GLU C 210 -33.97 -22.97 32.82
N GLU C 211 -34.12 -22.56 31.56
CA GLU C 211 -33.00 -22.00 30.79
C GLU C 211 -32.44 -20.73 31.45
N LYS C 212 -33.32 -19.96 32.06
CA LYS C 212 -32.96 -18.72 32.75
C LYS C 212 -32.07 -18.95 33.98
N SER C 213 -32.43 -19.95 34.78
CA SER C 213 -31.65 -20.30 35.97
C SER C 213 -30.29 -20.91 35.58
N LYS C 214 -30.30 -21.68 34.50
CA LYS C 214 -29.11 -22.31 33.95
C LYS C 214 -28.07 -21.26 33.56
N ILE C 215 -28.52 -20.20 32.89
CA ILE C 215 -27.65 -19.09 32.50
C ILE C 215 -27.10 -18.36 33.72
N GLU C 216 -27.97 -18.05 34.68
CA GLU C 216 -27.57 -17.32 35.89
C GLU C 216 -26.49 -18.05 36.70
N GLN C 217 -26.59 -19.39 36.76
CA GLN C 217 -25.63 -20.23 37.47
C GLN C 217 -24.28 -20.26 36.74
N TYR C 218 -24.33 -20.44 35.42
CA TYR C 218 -23.13 -20.40 34.58
C TYR C 218 -22.36 -19.09 34.78
N LEU C 219 -23.09 -17.99 34.87
CA LEU C 219 -22.49 -16.67 35.05
C LEU C 219 -21.92 -16.44 36.44
N GLN C 220 -22.41 -17.17 37.43
CA GLN C 220 -21.84 -17.14 38.79
C GLN C 220 -20.38 -17.61 38.73
N THR C 221 -20.15 -18.69 37.99
CA THR C 221 -18.79 -19.21 37.82
C THR C 221 -17.96 -18.49 36.73
N TYR C 222 -18.60 -18.16 35.61
CA TYR C 222 -17.87 -17.65 34.43
C TYR C 222 -18.05 -16.16 34.08
N GLY C 223 -19.13 -15.56 34.56
CA GLY C 223 -19.44 -14.17 34.25
C GLY C 223 -18.40 -13.20 34.74
N ALA C 224 -18.13 -12.18 33.92
CA ALA C 224 -17.18 -11.13 34.25
C ALA C 224 -17.62 -10.32 35.48
N SER C 225 -16.65 -9.71 36.17
CA SER C 225 -16.94 -8.90 37.33
C SER C 225 -17.59 -7.57 36.93
N ILE D 3 -18.98 -7.28 -31.09
CA ILE D 3 -19.71 -8.00 -30.01
C ILE D 3 -20.39 -7.03 -29.03
N MET D 4 -21.52 -7.46 -28.48
CA MET D 4 -22.29 -6.70 -27.49
C MET D 4 -21.50 -6.47 -26.20
N LEU D 5 -21.53 -5.23 -25.70
CA LEU D 5 -20.96 -4.92 -24.40
C LEU D 5 -21.93 -4.07 -23.59
N GLU D 6 -22.44 -4.63 -22.50
CA GLU D 6 -23.30 -3.92 -21.57
C GLU D 6 -22.53 -2.85 -20.84
N ASP D 7 -23.23 -1.77 -20.46
CA ASP D 7 -22.63 -0.72 -19.65
C ASP D 7 -21.98 -1.25 -18.37
N TYR D 8 -22.61 -2.25 -17.74
CA TYR D 8 -22.07 -2.79 -16.50
C TYR D 8 -20.78 -3.58 -16.73
N GLN D 9 -20.69 -4.26 -17.88
CA GLN D 9 -19.46 -4.94 -18.30
C GLN D 9 -18.33 -3.96 -18.60
N LYS D 10 -18.66 -2.85 -19.26
CA LYS D 10 -17.66 -1.83 -19.57
C LYS D 10 -17.07 -1.24 -18.29
N ASN D 11 -17.94 -0.88 -17.34
CA ASN D 11 -17.49 -0.27 -16.09
C ASN D 11 -16.65 -1.24 -15.26
N PHE D 12 -17.04 -2.52 -15.30
CA PHE D 12 -16.28 -3.58 -14.65
C PHE D 12 -14.88 -3.69 -15.24
N LEU D 13 -14.78 -3.64 -16.57
CA LEU D 13 -13.47 -3.64 -17.22
C LEU D 13 -12.65 -2.39 -16.90
N GLU D 14 -13.29 -1.21 -16.83
CA GLU D 14 -12.59 0.03 -16.46
C GLU D 14 -11.95 -0.05 -15.08
N LEU D 15 -12.71 -0.59 -14.13
CA LEU D 15 -12.23 -0.83 -12.77
C LEU D 15 -11.12 -1.89 -12.70
N ALA D 16 -11.23 -2.93 -13.53
CA ALA D 16 -10.21 -3.98 -13.62
C ALA D 16 -8.84 -3.42 -14.02
N ILE D 17 -8.82 -2.54 -15.00
CA ILE D 17 -7.60 -1.86 -15.42
C ILE D 17 -7.09 -0.95 -14.28
N GLU D 18 -7.99 -0.17 -13.70
CA GLU D 18 -7.62 0.80 -12.68
C GLU D 18 -7.00 0.16 -11.44
N CYS D 19 -7.59 -0.94 -10.96
CA CYS D 19 -7.09 -1.60 -9.76
C CYS D 19 -6.04 -2.67 -10.06
N GLN D 20 -5.62 -2.75 -11.33
CA GLN D 20 -4.59 -3.67 -11.81
C GLN D 20 -4.98 -5.14 -11.82
N ALA D 21 -6.26 -5.43 -11.64
CA ALA D 21 -6.75 -6.80 -11.78
C ALA D 21 -6.37 -7.33 -13.17
N LEU D 22 -6.56 -6.49 -14.19
CA LEU D 22 -6.19 -6.87 -15.55
C LEU D 22 -4.87 -6.22 -15.94
N ARG D 23 -3.88 -7.08 -16.19
CA ARG D 23 -2.54 -6.66 -16.55
C ARG D 23 -2.08 -7.40 -17.79
N PHE D 24 -1.26 -6.72 -18.58
CA PHE D 24 -0.64 -7.29 -19.76
C PHE D 24 0.86 -7.44 -19.53
N GLY D 25 1.41 -8.58 -19.93
CA GLY D 25 2.80 -8.92 -19.64
C GLY D 25 2.94 -10.42 -19.49
N SER D 26 4.12 -10.87 -19.07
CA SER D 26 4.46 -12.28 -19.03
C SER D 26 4.03 -12.97 -17.72
N PHE D 27 3.09 -13.91 -17.83
CA PHE D 27 2.59 -14.65 -16.67
C PHE D 27 2.49 -16.15 -16.95
N LYS D 28 3.10 -16.97 -16.09
CA LYS D 28 2.95 -18.41 -16.19
C LYS D 28 1.70 -18.82 -15.44
N LEU D 29 0.79 -19.47 -16.15
CA LEU D 29 -0.49 -19.85 -15.57
C LEU D 29 -0.35 -21.14 -14.76
N LYS D 30 -1.39 -21.45 -13.99
CA LYS D 30 -1.45 -22.64 -13.14
C LYS D 30 -1.22 -23.90 -13.98
N SER D 31 -1.84 -23.94 -15.17
CA SER D 31 -1.67 -25.01 -16.15
C SER D 31 -0.28 -25.06 -16.81
N GLY D 32 0.55 -24.05 -16.53
CA GLY D 32 1.90 -24.00 -17.10
C GLY D 32 2.02 -23.21 -18.39
N ARG D 33 0.88 -22.82 -18.97
CA ARG D 33 0.85 -21.98 -20.16
C ARG D 33 1.48 -20.62 -19.88
N GLU D 34 2.31 -20.14 -20.81
CA GLU D 34 2.93 -18.83 -20.71
C GLU D 34 2.07 -17.77 -21.42
N SER D 35 1.37 -16.98 -20.61
CA SER D 35 0.33 -16.06 -21.06
C SER D 35 0.80 -14.61 -21.16
N PRO D 36 0.32 -13.87 -22.17
CA PRO D 36 0.64 -12.44 -22.33
C PRO D 36 -0.31 -11.52 -21.56
N TYR D 37 -1.15 -12.09 -20.69
CA TYR D 37 -2.03 -11.30 -19.83
C TYR D 37 -2.53 -12.15 -18.65
N PHE D 38 -2.97 -11.49 -17.59
CA PHE D 38 -3.46 -12.16 -16.39
C PHE D 38 -4.58 -11.35 -15.77
N PHE D 39 -5.63 -12.04 -15.30
CA PHE D 39 -6.70 -11.39 -14.58
C PHE D 39 -6.68 -11.85 -13.13
N ASN D 40 -6.39 -10.92 -12.22
CA ASN D 40 -6.29 -11.21 -10.80
C ASN D 40 -7.48 -10.58 -10.07
N LEU D 41 -8.55 -11.37 -9.92
CA LEU D 41 -9.80 -10.90 -9.32
C LEU D 41 -9.67 -10.47 -7.85
N GLY D 42 -8.67 -11.05 -7.16
CA GLY D 42 -8.35 -10.70 -5.79
C GLY D 42 -7.98 -9.24 -5.59
N LEU D 43 -7.63 -8.55 -6.67
CA LEU D 43 -7.29 -7.12 -6.61
C LEU D 43 -8.52 -6.20 -6.56
N PHE D 44 -9.70 -6.75 -6.83
CA PHE D 44 -10.94 -6.05 -6.49
C PHE D 44 -11.09 -6.20 -4.98
N ASN D 45 -10.29 -5.43 -4.25
CA ASN D 45 -10.10 -5.70 -2.82
C ASN D 45 -10.58 -4.61 -1.87
N THR D 46 -11.20 -3.56 -2.41
CA THR D 46 -11.78 -2.51 -1.56
C THR D 46 -13.28 -2.71 -1.52
N GLY D 47 -13.92 -2.10 -0.52
CA GLY D 47 -15.38 -2.11 -0.42
C GLY D 47 -16.07 -1.64 -1.69
N LYS D 48 -15.55 -0.57 -2.28
CA LYS D 48 -16.07 -0.04 -3.55
C LYS D 48 -15.95 -1.06 -4.68
N LEU D 49 -14.76 -1.63 -4.83
CA LEU D 49 -14.48 -2.58 -5.91
C LEU D 49 -15.31 -3.86 -5.74
N LEU D 50 -15.38 -4.37 -4.51
CA LEU D 50 -16.20 -5.55 -4.22
C LEU D 50 -17.69 -5.31 -4.46
N SER D 51 -18.17 -4.09 -4.20
CA SER D 51 -19.57 -3.73 -4.43
C SER D 51 -19.93 -3.78 -5.93
N ASN D 52 -19.02 -3.27 -6.76
CA ASN D 52 -19.17 -3.37 -8.21
C ASN D 52 -19.11 -4.82 -8.69
N LEU D 53 -18.12 -5.57 -8.20
CA LEU D 53 -17.97 -6.99 -8.56
C LEU D 53 -19.22 -7.82 -8.20
N ALA D 54 -19.71 -7.65 -6.97
CA ALA D 54 -20.90 -8.37 -6.51
C ALA D 54 -22.10 -8.05 -7.38
N THR D 55 -22.23 -6.78 -7.76
CA THR D 55 -23.31 -6.32 -8.61
C THR D 55 -23.21 -6.94 -10.01
N ALA D 56 -21.99 -6.99 -10.55
CA ALA D 56 -21.76 -7.57 -11.90
C ALA D 56 -22.16 -9.05 -11.96
N TYR D 57 -21.64 -9.83 -11.01
CA TYR D 57 -22.07 -11.22 -10.86
C TYR D 57 -23.60 -11.31 -10.74
N ALA D 58 -24.19 -10.44 -9.93
CA ALA D 58 -25.61 -10.50 -9.63
C ALA D 58 -26.48 -10.27 -10.87
N ILE D 59 -26.11 -9.25 -11.65
CA ILE D 59 -26.82 -8.94 -12.90
C ILE D 59 -26.75 -10.13 -13.86
N ALA D 60 -25.56 -10.68 -14.03
CA ALA D 60 -25.36 -11.85 -14.91
C ALA D 60 -26.21 -13.04 -14.48
N ILE D 61 -26.34 -13.24 -13.16
CA ILE D 61 -27.11 -14.35 -12.61
C ILE D 61 -28.61 -14.14 -12.81
N ILE D 62 -29.08 -12.93 -12.55
CA ILE D 62 -30.48 -12.57 -12.78
C ILE D 62 -30.86 -12.76 -14.25
N GLN D 63 -29.99 -12.25 -15.14
CA GLN D 63 -30.17 -12.37 -16.59
C GLN D 63 -30.41 -13.80 -17.07
N SER D 64 -29.67 -14.74 -16.47
CA SER D 64 -29.67 -16.15 -16.88
C SER D 64 -30.97 -16.89 -16.54
N ASP D 65 -31.75 -16.36 -15.59
CA ASP D 65 -32.97 -17.04 -15.10
C ASP D 65 -32.70 -18.35 -14.35
N LEU D 66 -31.43 -18.63 -14.04
CA LEU D 66 -31.07 -19.87 -13.35
C LEU D 66 -31.77 -20.01 -12.00
N LYS D 67 -32.36 -21.17 -11.75
CA LYS D 67 -32.99 -21.49 -10.48
C LYS D 67 -32.04 -22.35 -9.66
N PHE D 68 -31.73 -21.88 -8.46
CA PHE D 68 -30.79 -22.57 -7.58
C PHE D 68 -31.09 -22.32 -6.10
N ASP D 69 -30.51 -23.13 -5.23
CA ASP D 69 -30.75 -23.01 -3.80
C ASP D 69 -29.52 -22.48 -3.09
N VAL D 70 -28.34 -22.81 -3.60
CA VAL D 70 -27.07 -22.51 -2.93
C VAL D 70 -26.04 -21.95 -3.91
N ILE D 71 -25.33 -20.93 -3.47
CA ILE D 71 -24.16 -20.46 -4.21
C ILE D 71 -22.90 -20.95 -3.47
N PHE D 72 -22.10 -21.73 -4.19
CA PHE D 72 -20.89 -22.33 -3.64
C PHE D 72 -19.63 -21.72 -4.22
N GLY D 73 -18.74 -21.28 -3.34
CA GLY D 73 -17.42 -20.80 -3.72
C GLY D 73 -16.33 -21.66 -3.10
N PRO D 74 -15.41 -22.19 -3.94
CA PRO D 74 -14.31 -23.03 -3.46
C PRO D 74 -13.23 -22.25 -2.70
N ALA D 75 -12.68 -22.87 -1.65
CA ALA D 75 -11.61 -22.27 -0.86
C ALA D 75 -10.34 -22.06 -1.70
N TYR D 76 -9.61 -20.97 -1.47
CA TYR D 76 -9.97 -19.91 -0.53
C TYR D 76 -10.66 -18.74 -1.19
N LYS D 77 -10.24 -18.42 -2.41
CA LYS D 77 -10.67 -17.21 -3.12
C LYS D 77 -12.14 -17.21 -3.55
N GLY D 78 -12.76 -18.38 -3.62
CA GLY D 78 -14.18 -18.48 -3.94
C GLY D 78 -15.08 -18.08 -2.79
N ILE D 79 -14.54 -18.13 -1.57
CA ILE D 79 -15.32 -17.87 -0.34
C ILE D 79 -15.91 -16.45 -0.27
N PRO D 80 -15.07 -15.41 -0.43
CA PRO D 80 -15.63 -14.05 -0.42
C PRO D 80 -16.61 -13.83 -1.58
N LEU D 81 -16.32 -14.43 -2.74
CA LEU D 81 -17.19 -14.29 -3.90
C LEU D 81 -18.58 -14.84 -3.63
N ALA D 82 -18.66 -16.06 -3.11
CA ALA D 82 -19.97 -16.64 -2.76
C ALA D 82 -20.76 -15.76 -1.80
N ALA D 83 -20.10 -15.26 -0.75
CA ALA D 83 -20.75 -14.44 0.28
C ALA D 83 -21.30 -13.11 -0.26
N ILE D 84 -20.46 -12.35 -0.95
CA ILE D 84 -20.87 -11.01 -1.42
C ILE D 84 -21.97 -11.06 -2.48
N VAL D 85 -21.96 -12.11 -3.30
CA VAL D 85 -22.94 -12.29 -4.37
C VAL D 85 -24.28 -12.79 -3.82
N CYS D 86 -24.21 -13.68 -2.85
CA CYS D 86 -25.40 -14.13 -2.10
C CYS D 86 -26.14 -12.92 -1.53
N VAL D 87 -25.38 -12.04 -0.86
CA VAL D 87 -25.90 -10.80 -0.30
C VAL D 87 -26.47 -9.89 -1.39
N LYS D 88 -25.68 -9.63 -2.44
CA LYS D 88 -26.10 -8.71 -3.49
C LYS D 88 -27.37 -9.17 -4.24
N LEU D 89 -27.49 -10.48 -4.45
CA LEU D 89 -28.70 -11.03 -5.07
C LEU D 89 -29.95 -10.79 -4.22
N ALA D 90 -29.83 -10.99 -2.91
CA ALA D 90 -30.92 -10.67 -2.00
C ALA D 90 -31.25 -9.17 -2.00
N GLU D 91 -30.24 -8.34 -2.25
CA GLU D 91 -30.42 -6.90 -2.20
C GLU D 91 -31.04 -6.28 -3.47
N ILE D 92 -30.66 -6.79 -4.65
CA ILE D 92 -31.14 -6.21 -5.92
C ILE D 92 -31.99 -7.18 -6.76
N GLY D 93 -32.04 -8.44 -6.36
CA GLY D 93 -32.66 -9.48 -7.19
C GLY D 93 -34.14 -9.75 -6.92
N GLY D 94 -34.65 -9.18 -5.83
CA GLY D 94 -36.04 -9.37 -5.45
C GLY D 94 -36.27 -10.62 -4.60
N SER D 95 -37.54 -11.02 -4.52
CA SER D 95 -38.03 -12.06 -3.60
C SER D 95 -37.38 -13.43 -3.76
N LYS D 96 -37.11 -13.82 -5.01
CA LYS D 96 -36.58 -15.16 -5.29
C LYS D 96 -35.12 -15.38 -4.87
N PHE D 97 -34.45 -14.34 -4.38
CA PHE D 97 -33.06 -14.47 -3.92
C PHE D 97 -32.89 -14.31 -2.40
N GLN D 98 -33.99 -14.12 -1.68
CA GLN D 98 -33.94 -13.86 -0.24
C GLN D 98 -33.43 -15.04 0.60
N ASN D 99 -33.89 -16.25 0.25
CA ASN D 99 -33.56 -17.46 1.02
C ASN D 99 -32.47 -18.32 0.39
N ILE D 100 -31.82 -17.80 -0.64
CA ILE D 100 -30.70 -18.47 -1.26
C ILE D 100 -29.56 -18.49 -0.25
N GLN D 101 -28.86 -19.61 -0.18
CA GLN D 101 -27.80 -19.78 0.80
C GLN D 101 -26.43 -19.84 0.13
N TYR D 102 -25.39 -19.61 0.91
CA TYR D 102 -24.06 -19.74 0.40
C TYR D 102 -23.33 -20.84 1.16
N ALA D 103 -22.39 -21.48 0.48
CA ALA D 103 -21.61 -22.55 1.06
C ALA D 103 -20.21 -22.49 0.50
N PHE D 104 -19.29 -23.14 1.20
CA PHE D 104 -17.92 -23.29 0.75
C PHE D 104 -17.29 -24.50 1.45
N ASN D 105 -16.10 -24.87 0.99
CA ASN D 105 -15.37 -25.99 1.57
C ASN D 105 -14.17 -25.52 2.39
N ARG D 106 -13.78 -26.34 3.35
CA ARG D 106 -12.49 -26.23 4.00
C ARG D 106 -11.51 -27.12 3.24
N LYS D 107 -10.23 -26.78 3.29
CA LYS D 107 -9.19 -27.61 2.69
C LYS D 107 -9.01 -28.94 3.45
N GLU D 108 -9.19 -28.88 4.77
CA GLU D 108 -9.15 -30.06 5.65
C GLU D 108 -10.35 -30.09 6.60
N ALA D 109 -10.82 -31.29 6.92
CA ALA D 109 -12.01 -31.48 7.77
C ALA D 109 -11.80 -31.10 9.24
N GLY D 116 -18.29 -31.74 8.36
CA GLY D 116 -17.05 -32.19 7.73
C GLY D 116 -16.30 -31.07 7.01
N ILE D 117 -16.18 -31.20 5.69
CA ILE D 117 -15.45 -30.22 4.87
C ILE D 117 -16.32 -29.09 4.30
N ILE D 118 -17.64 -29.29 4.30
CA ILE D 118 -18.56 -28.24 3.81
C ILE D 118 -18.97 -27.32 4.96
N VAL D 119 -18.87 -26.02 4.73
CA VAL D 119 -19.39 -25.00 5.64
C VAL D 119 -20.68 -24.39 5.09
N GLY D 120 -21.76 -24.54 5.85
CA GLY D 120 -23.10 -24.15 5.41
C GLY D 120 -24.07 -25.29 5.63
N SER D 121 -25.34 -25.07 5.27
CA SER D 121 -26.34 -26.14 5.30
C SER D 121 -25.92 -27.25 4.35
N ALA D 122 -26.31 -28.49 4.65
CA ALA D 122 -25.97 -29.64 3.81
C ALA D 122 -26.39 -29.41 2.36
N LEU D 123 -25.52 -29.80 1.44
CA LEU D 123 -25.76 -29.62 0.00
C LEU D 123 -26.69 -30.69 -0.60
N GLU D 124 -27.05 -31.69 0.21
CA GLU D 124 -27.83 -32.84 -0.24
C GLU D 124 -29.12 -32.45 -0.95
N ASN D 125 -29.28 -32.95 -2.18
CA ASN D 125 -30.47 -32.70 -3.01
C ASN D 125 -30.79 -31.22 -3.26
N LYS D 126 -29.79 -30.35 -3.11
CA LYS D 126 -29.96 -28.93 -3.40
C LYS D 126 -29.35 -28.55 -4.74
N ARG D 127 -29.93 -27.54 -5.38
CA ARG D 127 -29.46 -27.02 -6.67
C ARG D 127 -28.33 -26.02 -6.42
N ILE D 128 -27.16 -26.30 -6.98
CA ILE D 128 -25.95 -25.54 -6.66
C ILE D 128 -25.41 -24.72 -7.84
N LEU D 129 -25.17 -23.43 -7.59
CA LEU D 129 -24.42 -22.58 -8.51
C LEU D 129 -22.98 -22.45 -8.03
N ILE D 130 -22.02 -22.84 -8.87
CA ILE D 130 -20.60 -22.64 -8.54
C ILE D 130 -20.15 -21.26 -8.96
N ILE D 131 -19.52 -20.54 -8.04
CA ILE D 131 -18.89 -19.25 -8.37
C ILE D 131 -17.38 -19.35 -8.24
N ASP D 132 -16.66 -18.83 -9.23
CA ASP D 132 -15.20 -18.76 -9.16
C ASP D 132 -14.71 -17.54 -9.92
N ASP D 133 -13.39 -17.35 -9.99
CA ASP D 133 -12.83 -16.15 -10.59
C ASP D 133 -12.62 -16.21 -12.11
N VAL D 134 -11.79 -17.15 -12.55
CA VAL D 134 -11.35 -17.25 -13.94
C VAL D 134 -11.27 -18.72 -14.36
N MET D 135 -11.63 -19.02 -15.61
CA MET D 135 -11.45 -20.36 -16.18
C MET D 135 -10.45 -20.35 -17.35
N THR D 136 -9.42 -21.17 -17.22
CA THR D 136 -8.44 -21.36 -18.28
C THR D 136 -8.61 -22.74 -18.92
N ALA D 137 -8.14 -23.78 -18.23
CA ALA D 137 -8.25 -25.16 -18.70
C ALA D 137 -9.41 -25.90 -18.04
N GLY D 138 -10.01 -25.27 -17.03
CA GLY D 138 -11.17 -25.80 -16.33
C GLY D 138 -10.89 -26.69 -15.13
N THR D 139 -9.61 -26.86 -14.80
CA THR D 139 -9.18 -27.75 -13.71
C THR D 139 -9.80 -27.39 -12.36
N ALA D 140 -9.80 -26.10 -12.02
CA ALA D 140 -10.34 -25.63 -10.74
C ALA D 140 -11.83 -25.90 -10.59
N ILE D 141 -12.61 -25.64 -11.64
CA ILE D 141 -14.06 -25.89 -11.59
C ILE D 141 -14.40 -27.38 -11.48
N ASN D 142 -13.61 -28.23 -12.15
CA ASN D 142 -13.76 -29.69 -12.07
C ASN D 142 -13.59 -30.21 -10.64
N GLU D 143 -12.60 -29.67 -9.94
CA GLU D 143 -12.37 -30.01 -8.54
C GLU D 143 -13.55 -29.59 -7.65
N ALA D 144 -14.14 -28.43 -7.95
CA ALA D 144 -15.33 -27.96 -7.25
C ALA D 144 -16.54 -28.87 -7.52
N PHE D 145 -16.67 -29.31 -8.77
CA PHE D 145 -17.72 -30.28 -9.17
C PHE D 145 -17.67 -31.56 -8.34
N GLU D 146 -16.48 -32.04 -8.05
CA GLU D 146 -16.28 -33.27 -7.27
C GLU D 146 -16.69 -33.10 -5.81
N ILE D 147 -16.31 -31.97 -5.22
CA ILE D 147 -16.67 -31.62 -3.84
C ILE D 147 -18.19 -31.59 -3.66
N ILE D 148 -18.90 -31.00 -4.63
CA ILE D 148 -20.36 -30.89 -4.57
C ILE D 148 -21.05 -32.24 -4.79
N SER D 149 -20.55 -33.03 -5.72
CA SER D 149 -21.05 -34.39 -5.96
C SER D 149 -20.85 -35.30 -4.74
N ASN D 150 -19.66 -35.23 -4.13
CA ASN D 150 -19.38 -35.94 -2.89
C ASN D 150 -20.36 -35.57 -1.77
N ALA D 151 -20.80 -34.32 -1.77
CA ALA D 151 -21.77 -33.83 -0.78
C ALA D 151 -23.21 -34.03 -1.25
N LYS D 152 -23.38 -34.63 -2.42
CA LYS D 152 -24.69 -35.00 -2.96
C LYS D 152 -25.52 -33.83 -3.49
N GLY D 153 -24.85 -32.70 -3.74
CA GLY D 153 -25.49 -31.53 -4.34
C GLY D 153 -25.57 -31.69 -5.85
N GLN D 154 -26.60 -31.08 -6.45
CA GLN D 154 -26.74 -31.08 -7.90
C GLN D 154 -26.31 -29.74 -8.46
N VAL D 155 -25.16 -29.70 -9.13
CA VAL D 155 -24.71 -28.48 -9.79
C VAL D 155 -25.60 -28.17 -10.98
N VAL D 156 -26.24 -27.00 -10.93
CA VAL D 156 -27.15 -26.56 -12.00
C VAL D 156 -26.55 -25.44 -12.85
N GLY D 157 -25.41 -24.91 -12.43
CA GLY D 157 -24.76 -23.83 -13.17
C GLY D 157 -23.42 -23.42 -12.64
N SER D 158 -22.69 -22.66 -13.44
CA SER D 158 -21.40 -22.09 -13.05
C SER D 158 -21.34 -20.62 -13.46
N ILE D 159 -20.68 -19.80 -12.65
CA ILE D 159 -20.37 -18.41 -13.02
C ILE D 159 -18.94 -17.99 -12.65
N ILE D 160 -18.26 -17.33 -13.57
CA ILE D 160 -16.92 -16.82 -13.36
C ILE D 160 -16.86 -15.35 -13.79
N ALA D 161 -15.86 -14.61 -13.29
CA ALA D 161 -15.68 -13.22 -13.71
C ALA D 161 -15.16 -13.17 -15.16
N LEU D 162 -14.14 -13.97 -15.46
CA LEU D 162 -13.52 -13.99 -16.79
C LEU D 162 -13.43 -15.36 -17.42
N ASP D 163 -14.10 -15.52 -18.57
CA ASP D 163 -13.91 -16.67 -19.43
C ASP D 163 -12.77 -16.37 -20.40
N ARG D 164 -11.64 -17.04 -20.20
CA ARG D 164 -10.43 -16.81 -21.01
C ARG D 164 -10.52 -17.39 -22.42
N GLN D 165 -11.58 -18.15 -22.69
CA GLN D 165 -11.88 -18.71 -24.03
C GLN D 165 -10.73 -19.54 -24.61
N GLU D 166 -10.14 -20.36 -23.73
CA GLU D 166 -9.05 -21.25 -24.07
C GLU D 166 -9.50 -22.70 -24.00
N VAL D 167 -8.83 -23.56 -24.76
CA VAL D 167 -9.12 -24.99 -24.77
C VAL D 167 -8.71 -25.66 -23.47
N VAL D 168 -9.37 -26.77 -23.14
CA VAL D 168 -8.96 -27.65 -22.04
C VAL D 168 -7.60 -28.26 -22.38
N SER D 169 -7.48 -28.71 -23.62
CA SER D 169 -6.29 -29.39 -24.10
C SER D 169 -5.97 -29.02 -25.54
N THR D 170 -4.69 -28.89 -25.82
CA THR D 170 -4.20 -28.55 -27.16
C THR D 170 -4.34 -29.71 -28.15
N ASP D 171 -4.53 -30.93 -27.63
CA ASP D 171 -4.63 -32.14 -28.46
C ASP D 171 -6.05 -32.47 -28.92
N ASP D 172 -7.04 -31.88 -28.25
CA ASP D 172 -8.44 -31.99 -28.65
C ASP D 172 -8.62 -31.37 -30.04
N LYS D 173 -9.14 -32.16 -30.98
CA LYS D 173 -9.27 -31.69 -32.36
C LYS D 173 -10.49 -30.80 -32.56
N GLU D 174 -11.51 -30.99 -31.73
CA GLU D 174 -12.69 -30.13 -31.74
C GLU D 174 -12.38 -28.72 -31.22
N GLY D 175 -11.46 -28.63 -30.27
CA GLY D 175 -11.02 -27.34 -29.72
C GLY D 175 -12.08 -26.57 -28.96
N LEU D 176 -12.93 -27.29 -28.24
CA LEU D 176 -13.90 -26.68 -27.35
C LEU D 176 -13.17 -25.90 -26.25
N SER D 177 -13.74 -24.75 -25.87
CA SER D 177 -13.22 -23.99 -24.73
C SER D 177 -13.56 -24.74 -23.43
N ALA D 178 -12.87 -24.38 -22.36
CA ALA D 178 -13.12 -24.96 -21.04
C ALA D 178 -14.58 -24.77 -20.61
N THR D 179 -15.13 -23.58 -20.84
CA THR D 179 -16.52 -23.30 -20.47
C THR D 179 -17.52 -24.08 -21.33
N GLN D 180 -17.20 -24.24 -22.62
CA GLN D 180 -18.03 -25.04 -23.52
C GLN D 180 -18.01 -26.52 -23.13
N THR D 181 -16.82 -27.00 -22.77
CA THR D 181 -16.61 -28.38 -22.35
C THR D 181 -17.40 -28.69 -21.08
N VAL D 182 -17.24 -27.86 -20.06
CA VAL D 182 -17.98 -28.02 -18.81
C VAL D 182 -19.48 -28.06 -19.09
N SER D 183 -19.93 -27.16 -19.96
CA SER D 183 -21.34 -27.06 -20.32
C SER D 183 -21.86 -28.28 -21.09
N LYS D 184 -20.96 -28.95 -21.80
CA LYS D 184 -21.30 -30.16 -22.54
C LYS D 184 -21.35 -31.39 -21.62
N LYS D 185 -20.27 -31.57 -20.85
CA LYS D 185 -20.11 -32.70 -19.93
C LYS D 185 -21.21 -32.75 -18.87
N TYR D 186 -21.43 -31.62 -18.19
CA TYR D 186 -22.38 -31.60 -17.08
C TYR D 186 -23.78 -31.16 -17.49
N GLY D 187 -23.91 -30.62 -18.71
CA GLY D 187 -25.21 -30.20 -19.25
C GLY D 187 -25.82 -28.98 -18.57
N ILE D 188 -24.97 -28.00 -18.23
CA ILE D 188 -25.38 -26.83 -17.45
C ILE D 188 -24.84 -25.52 -18.06
N PRO D 189 -25.53 -24.38 -17.83
CA PRO D 189 -25.02 -23.08 -18.27
C PRO D 189 -23.75 -22.68 -17.52
N VAL D 190 -22.75 -22.21 -18.26
CA VAL D 190 -21.54 -21.65 -17.67
C VAL D 190 -21.51 -20.16 -18.00
N LEU D 191 -21.72 -19.33 -16.99
CA LEU D 191 -21.85 -17.89 -17.18
C LEU D 191 -20.52 -17.20 -16.92
N SER D 192 -20.36 -16.00 -17.47
CA SER D 192 -19.20 -15.18 -17.16
C SER D 192 -19.59 -13.70 -17.21
N ILE D 193 -19.00 -12.90 -16.32
CA ILE D 193 -19.22 -11.46 -16.37
C ILE D 193 -18.68 -10.94 -17.70
N VAL D 194 -17.45 -11.33 -18.04
CA VAL D 194 -16.84 -10.99 -19.32
C VAL D 194 -16.02 -12.15 -19.89
N SER D 195 -15.77 -12.10 -21.19
CA SER D 195 -14.87 -13.01 -21.89
C SER D 195 -13.68 -12.24 -22.42
N LEU D 196 -12.64 -12.97 -22.83
CA LEU D 196 -11.47 -12.31 -23.43
C LEU D 196 -11.85 -11.44 -24.62
N ILE D 197 -12.79 -11.92 -25.44
CA ILE D 197 -13.25 -11.13 -26.60
C ILE D 197 -13.76 -9.76 -26.19
N HIS D 198 -14.48 -9.68 -25.07
CA HIS D 198 -14.97 -8.39 -24.55
C HIS D 198 -13.83 -7.45 -24.22
N ILE D 199 -12.79 -7.99 -23.57
CA ILE D 199 -11.60 -7.21 -23.22
C ILE D 199 -10.94 -6.62 -24.46
N ILE D 200 -10.64 -7.47 -25.45
CA ILE D 200 -9.97 -7.04 -26.68
C ILE D 200 -10.83 -6.02 -27.45
N THR D 201 -12.11 -6.35 -27.62
CA THR D 201 -13.06 -5.49 -28.33
C THR D 201 -13.21 -4.14 -27.62
N TYR D 202 -13.40 -4.16 -26.30
CA TYR D 202 -13.64 -2.93 -25.55
C TYR D 202 -12.43 -1.99 -25.46
N LEU D 203 -11.26 -2.54 -25.16
CA LEU D 203 -10.07 -1.72 -24.94
C LEU D 203 -9.45 -1.14 -26.21
N GLU D 204 -9.77 -1.74 -27.36
CA GLU D 204 -9.28 -1.27 -28.66
C GLU D 204 -7.78 -0.96 -28.59
N GLY D 205 -7.41 0.29 -28.90
CA GLY D 205 -6.01 0.71 -28.94
C GLY D 205 -5.32 0.94 -27.60
N ARG D 206 -6.07 0.77 -26.51
CA ARG D 206 -5.49 0.85 -25.17
C ARG D 206 -4.61 -0.35 -24.85
N ILE D 207 -4.78 -1.41 -25.63
CA ILE D 207 -3.83 -2.52 -25.67
C ILE D 207 -2.87 -2.17 -26.79
N THR D 208 -1.58 -2.02 -26.49
CA THR D 208 -0.59 -1.63 -27.51
C THR D 208 -0.48 -2.69 -28.62
N ALA D 209 0.14 -2.32 -29.73
CA ALA D 209 0.31 -3.22 -30.87
C ALA D 209 1.08 -4.48 -30.50
N GLU D 210 2.12 -4.33 -29.68
CA GLU D 210 2.93 -5.46 -29.22
C GLU D 210 2.12 -6.41 -28.34
N GLU D 211 1.39 -5.84 -27.39
CA GLU D 211 0.54 -6.63 -26.49
C GLU D 211 -0.53 -7.37 -27.28
N LYS D 212 -1.06 -6.70 -28.29
CA LYS D 212 -2.10 -7.26 -29.15
C LYS D 212 -1.56 -8.45 -29.96
N SER D 213 -0.34 -8.31 -30.48
CA SER D 213 0.27 -9.40 -31.25
C SER D 213 0.60 -10.61 -30.37
N LYS D 214 1.02 -10.35 -29.13
CA LYS D 214 1.33 -11.42 -28.19
C LYS D 214 0.08 -12.21 -27.82
N ILE D 215 -1.04 -11.50 -27.64
CA ILE D 215 -2.33 -12.14 -27.40
C ILE D 215 -2.75 -13.02 -28.58
N GLU D 216 -2.59 -12.51 -29.80
CA GLU D 216 -2.95 -13.24 -31.01
C GLU D 216 -2.14 -14.52 -31.15
N GLN D 217 -0.83 -14.40 -30.92
CA GLN D 217 0.07 -15.55 -30.92
C GLN D 217 -0.29 -16.57 -29.85
N TYR D 218 -0.66 -16.08 -28.66
CA TYR D 218 -1.13 -16.96 -27.58
C TYR D 218 -2.36 -17.76 -27.99
N LEU D 219 -3.36 -17.07 -28.56
CA LEU D 219 -4.62 -17.69 -28.96
C LEU D 219 -4.44 -18.67 -30.13
N GLN D 220 -3.40 -18.47 -30.93
CA GLN D 220 -3.04 -19.41 -32.00
C GLN D 220 -2.57 -20.75 -31.43
N THR D 221 -2.08 -20.72 -30.20
CA THR D 221 -1.73 -21.94 -29.47
C THR D 221 -2.92 -22.50 -28.69
N TYR D 222 -3.65 -21.64 -27.98
CA TYR D 222 -4.60 -22.08 -26.96
C TYR D 222 -6.06 -21.66 -27.15
N GLY D 223 -6.34 -20.78 -28.09
CA GLY D 223 -7.70 -20.27 -28.29
C GLY D 223 -8.67 -21.37 -28.68
N ALA D 224 -9.90 -21.28 -28.18
CA ALA D 224 -10.98 -22.18 -28.60
C ALA D 224 -11.35 -21.94 -30.06
N SER D 225 -11.88 -22.98 -30.72
CA SER D 225 -12.27 -22.88 -32.13
C SER D 225 -13.50 -21.99 -32.32
CL CL E . 19.52 6.23 7.32
P OMP F . 20.08 9.90 18.64
O1P OMP F . 21.08 9.67 17.53
O2P OMP F . 20.39 9.27 19.97
O3P OMP F . 19.87 11.35 18.78
O5' OMP F . 18.70 9.22 18.18
C5' OMP F . 17.88 9.75 17.16
C4' OMP F . 17.86 8.75 16.00
O4' OMP F . 17.23 7.52 16.37
C3' OMP F . 17.10 9.27 14.79
O3' OMP F . 18.00 9.86 13.85
C2' OMP F . 16.44 8.00 14.28
O2' OMP F . 17.35 7.26 13.48
C1' OMP F . 16.12 7.18 15.52
N1 OMP F . 14.86 7.58 16.19
C2 OMP F . 13.74 8.10 15.49
O2 OMP F . 13.74 8.22 14.25
N3 OMP F . 12.63 8.48 16.15
C4 OMP F . 12.52 8.40 17.48
O4 OMP F . 11.46 8.76 18.04
C5 OMP F . 13.57 7.90 18.25
C6 OMP F . 14.74 7.49 17.62
C7 OMP F . 15.83 6.92 18.46
O71 OMP F . 16.15 5.73 18.23
O72 OMP F . 16.39 7.59 19.36
CL CL G . 26.01 7.94 -7.16
P OMP H . 25.42 4.42 -18.61
O1P OMP H . 25.19 3.65 -17.34
O2P OMP H . 26.33 3.79 -19.64
O3P OMP H . 24.09 4.66 -19.21
O5' OMP H . 26.10 5.83 -18.21
C5' OMP H . 25.37 6.88 -17.58
C4' OMP H . 26.10 7.29 -16.30
O4' OMP H . 27.39 7.87 -16.56
C3' OMP H . 25.35 8.37 -15.54
O3' OMP H . 24.45 7.77 -14.60
C2' OMP H . 26.48 9.14 -14.89
O2' OMP H . 26.90 8.41 -13.73
C1' OMP H . 27.63 9.13 -15.90
N1 OMP H . 27.55 10.18 -16.95
C2 OMP H . 26.98 11.46 -16.71
O2 OMP H . 26.55 11.79 -15.58
N3 OMP H . 26.90 12.37 -17.69
C4 OMP H . 27.35 12.13 -18.94
O4 OMP H . 27.24 13.03 -19.81
C5 OMP H . 27.92 10.90 -19.25
C6 OMP H . 28.02 9.91 -18.27
C7 OMP H . 28.69 8.62 -18.63
O71 OMP H . 29.69 8.32 -17.92
O72 OMP H . 28.33 7.90 -19.58
CL CL I . -13.77 -21.70 11.08
P OMP J . -13.03 -17.96 22.43
O1P OMP J . -12.06 -18.25 21.32
O2P OMP J . -12.71 -18.58 23.78
O3P OMP J . -13.10 -16.49 22.58
O5' OMP J . -14.46 -18.53 21.99
C5' OMP J . -15.15 -18.02 20.86
C4' OMP J . -15.18 -19.08 19.76
O4' OMP J . -15.88 -20.26 20.19
C3' OMP J . -15.93 -18.61 18.54
O3' OMP J . -15.05 -18.03 17.58
C2' OMP J . -16.57 -19.89 18.03
O2' OMP J . -15.57 -20.63 17.30
C1' OMP J . -16.93 -20.67 19.29
N1 OMP J . -18.22 -20.31 19.92
C2 OMP J . -19.34 -19.80 19.21
O2 OMP J . -19.30 -19.62 17.98
N3 OMP J . -20.47 -19.47 19.84
C4 OMP J . -20.63 -19.60 21.17
O4 OMP J . -21.71 -19.30 21.71
C5 OMP J . -19.58 -20.11 21.94
C6 OMP J . -18.37 -20.45 21.34
C7 OMP J . -17.28 -21.02 22.18
O71 OMP J . -16.90 -22.19 21.90
O72 OMP J . -16.78 -20.38 23.12
CL CL K . -7.23 -19.93 -3.35
P OMP L . -8.03 -23.46 -14.66
O1P OMP L . -8.30 -24.21 -13.39
O2P OMP L . -7.15 -24.11 -15.70
O3P OMP L . -9.36 -23.17 -15.25
O5' OMP L . -7.27 -22.09 -14.25
C5' OMP L . -7.94 -20.99 -13.61
C4' OMP L . -7.21 -20.55 -12.34
O4' OMP L . -5.90 -20.01 -12.55
C3' OMP L . -7.96 -19.47 -11.59
O3' OMP L . -8.85 -20.04 -10.65
C2' OMP L . -6.84 -18.67 -10.93
O2' OMP L . -6.44 -19.36 -9.74
C1' OMP L . -5.69 -18.73 -11.92
N1 OMP L . -5.73 -17.67 -12.95
C2 OMP L . -6.27 -16.37 -12.72
O2 OMP L . -6.70 -16.03 -11.59
N3 OMP L . -6.31 -15.44 -13.70
C4 OMP L . -5.86 -15.70 -14.94
O4 OMP L . -5.93 -14.81 -15.83
C5 OMP L . -5.33 -16.95 -15.25
C6 OMP L . -5.27 -17.94 -14.28
C7 OMP L . -4.63 -19.26 -14.61
O71 OMP L . -3.61 -19.57 -13.95
O72 OMP L . -5.10 -19.99 -15.52
#